data_7U9U
#
_entry.id   7U9U
#
_cell.length_a   122.806
_cell.length_b   73.403
_cell.length_c   79.799
_cell.angle_alpha   90.000
_cell.angle_beta   90.000
_cell.angle_gamma   90.000
#
_symmetry.space_group_name_H-M   'P 21 21 2'
#
loop_
_entity.id
_entity.type
_entity.pdbx_description
1 polymer 'D-amino-acid oxidase'
2 non-polymer 'FLAVIN-ADENINE DINUCLEOTIDE'
3 non-polymer 'BENZOIC ACID'
4 non-polymer (3R)-3-(5,6-dioxo-1,4,5,6-tetrahydropyrazin-2-yl)-2,3-dihydro-1,4-benzoxathiine-7-carbonitrile
5 water water
#
_entity_poly.entity_id   1
_entity_poly.type   'polypeptide(L)'
_entity_poly.pdbx_seq_one_letter_code
;MRVVVIGAGVIGLSTALCIHERYHSVLQPLDIKVYADRFTPLTTTDVAAGLWQPYLSDPNNPQEADWSQQTFDYLLSHVH
SPNAENLGLFLISGYNLFHEAIPDPSWKDTVLGFRKLTPRELDMFPDYGYGWFHTSLILEGKNYLQWLTERLTERGVKFF
QRKVESFEEVAREGADVIVNCTGVWAGALQRDPLLQPGRGQIMKVDAPWMKHFILTHDPERGIYNSPYIIPGTQTVTLGG
IFQLGNWSELNNIQDHNTIWEGCCRLEPTLKNARIIGERTGFRPVRPQIRLEREQLRTGPSNTEVIHNYGHGGYGLTIHW
GCALEAAKLFGRILEEKKLSRMPPSHL
;
_entity_poly.pdbx_strand_id   A,B
#
loop_
_chem_comp.id
_chem_comp.type
_chem_comp.name
_chem_comp.formula
BEZ non-polymer 'BENZOIC ACID' 'C7 H6 O2'
FAD non-polymer 'FLAVIN-ADENINE DINUCLEOTIDE' 'C27 H33 N9 O15 P2'
M89 non-polymer (3R)-3-(5,6-dioxo-1,4,5,6-tetrahydropyrazin-2-yl)-2,3-dihydro-1,4-benzoxathiine-7-carbonitrile 'C13 H9 N3 O3 S'
#
# COMPACT_ATOMS: atom_id res chain seq x y z
N MET A 1 4.77 -19.24 -28.10
CA MET A 1 5.38 -19.54 -26.79
C MET A 1 4.61 -18.77 -25.72
N ARG A 2 4.00 -19.48 -24.77
CA ARG A 2 3.22 -18.82 -23.74
C ARG A 2 4.09 -18.73 -22.50
N VAL A 3 4.27 -17.50 -22.03
CA VAL A 3 5.17 -17.23 -20.94
C VAL A 3 4.30 -16.63 -19.84
N VAL A 4 4.53 -17.08 -18.61
CA VAL A 4 3.89 -16.43 -17.44
C VAL A 4 4.99 -15.96 -16.52
N VAL A 5 4.95 -14.68 -16.17
CA VAL A 5 5.89 -14.16 -15.17
C VAL A 5 5.09 -14.06 -13.88
N ILE A 6 5.59 -14.69 -12.83
CA ILE A 6 4.91 -14.62 -11.54
C ILE A 6 5.65 -13.56 -10.76
N GLY A 7 4.95 -12.49 -10.42
CA GLY A 7 5.55 -11.41 -9.64
C GLY A 7 5.61 -10.09 -10.40
N ALA A 8 5.20 -9.02 -9.72
CA ALA A 8 5.09 -7.69 -10.35
C ALA A 8 5.84 -6.62 -9.58
N GLY A 9 6.89 -7.03 -8.88
CA GLY A 9 7.83 -6.04 -8.37
C GLY A 9 8.87 -5.71 -9.44
N VAL A 10 9.97 -5.05 -9.06
CA VAL A 10 10.92 -4.61 -10.10
C VAL A 10 11.51 -5.79 -10.89
N ILE A 11 11.73 -6.89 -10.18
CA ILE A 11 12.34 -8.03 -10.84
C ILE A 11 11.41 -8.66 -11.88
N GLY A 12 10.18 -8.93 -11.49
CA GLY A 12 9.25 -9.51 -12.46
C GLY A 12 8.92 -8.59 -13.63
N LEU A 13 8.68 -7.31 -13.39
CA LEU A 13 8.33 -6.45 -14.52
C LEU A 13 9.49 -6.17 -15.45
N SER A 14 10.67 -5.99 -14.87
CA SER A 14 11.84 -5.73 -15.73
C SER A 14 12.23 -6.96 -16.53
N THR A 15 12.08 -8.15 -15.91
CA THR A 15 12.36 -9.37 -16.63
C THR A 15 11.37 -9.59 -17.77
N ALA A 16 10.09 -9.34 -17.51
CA ALA A 16 9.06 -9.45 -18.54
C ALA A 16 9.33 -8.52 -19.72
N LEU A 17 9.70 -7.28 -19.39
CA LEU A 17 10.00 -6.33 -20.45
C LEU A 17 11.25 -6.72 -21.24
N CYS A 18 12.28 -7.22 -20.57
CA CYS A 18 13.47 -7.66 -21.31
C CYS A 18 13.27 -8.88 -22.18
N ILE A 19 12.47 -9.84 -21.70
CA ILE A 19 12.11 -10.98 -22.55
C ILE A 19 11.33 -10.52 -23.78
N HIS A 20 10.34 -9.66 -23.56
CA HIS A 20 9.58 -9.13 -24.71
C HIS A 20 10.47 -8.42 -25.73
N GLU A 21 11.31 -7.51 -25.24
CA GLU A 21 12.12 -6.71 -26.16
C GLU A 21 13.14 -7.52 -26.92
N ARG A 22 13.65 -8.56 -26.29
CA ARG A 22 14.68 -9.35 -26.96
C ARG A 22 14.10 -10.48 -27.82
N TYR A 23 12.97 -11.07 -27.42
CA TYR A 23 12.54 -12.35 -28.00
C TYR A 23 11.16 -12.36 -28.58
N HIS A 24 10.40 -11.27 -28.47
CA HIS A 24 9.12 -11.23 -29.20
C HIS A 24 9.42 -10.78 -30.61
N SER A 25 9.38 -11.72 -31.54
CA SER A 25 9.84 -11.41 -32.92
C SER A 25 8.72 -11.57 -33.91
N VAL A 26 8.98 -11.16 -35.15
CA VAL A 26 7.99 -11.32 -36.18
C VAL A 26 7.62 -12.77 -36.49
N LEU A 27 8.64 -13.62 -36.58
CA LEU A 27 8.38 -15.02 -36.88
C LEU A 27 8.24 -15.90 -35.65
N GLN A 28 8.52 -15.34 -34.48
CA GLN A 28 8.29 -16.06 -33.22
C GLN A 28 7.69 -15.13 -32.18
N PRO A 29 6.40 -14.77 -32.26
CA PRO A 29 5.77 -13.96 -31.22
C PRO A 29 5.64 -14.73 -29.92
N LEU A 30 5.61 -13.99 -28.84
CA LEU A 30 5.44 -14.57 -27.51
C LEU A 30 4.08 -14.10 -27.01
N ASP A 31 3.45 -14.90 -26.17
CA ASP A 31 2.32 -14.39 -25.41
C ASP A 31 2.81 -14.31 -23.96
N ILE A 32 2.92 -13.11 -23.42
CA ILE A 32 3.48 -12.94 -22.07
C ILE A 32 2.36 -12.43 -21.18
N LYS A 33 2.16 -13.10 -20.04
CA LYS A 33 1.23 -12.62 -19.01
C LYS A 33 1.97 -12.46 -17.70
N VAL A 34 1.52 -11.53 -16.87
CA VAL A 34 2.06 -11.37 -15.52
C VAL A 34 0.96 -11.78 -14.55
N TYR A 35 1.27 -12.74 -13.69
CA TYR A 35 0.39 -13.08 -12.56
C TYR A 35 1.04 -12.54 -11.30
N ALA A 36 0.29 -11.81 -10.47
CA ALA A 36 0.87 -11.38 -9.20
C ALA A 36 -0.20 -11.22 -8.16
N ASP A 37 0.15 -11.45 -6.91
CA ASP A 37 -0.80 -11.27 -5.84
C ASP A 37 -0.88 -9.80 -5.40
N ARG A 38 0.24 -9.08 -5.44
CA ARG A 38 0.27 -7.65 -5.20
C ARG A 38 0.93 -6.89 -6.34
N PHE A 39 0.36 -5.75 -6.69
CA PHE A 39 0.92 -4.85 -7.69
C PHE A 39 1.20 -3.53 -7.01
N THR A 40 1.95 -2.67 -7.69
CA THR A 40 2.18 -1.30 -7.20
C THR A 40 0.85 -0.60 -6.83
N PRO A 41 0.79 0.14 -5.71
CA PRO A 41 1.89 0.54 -4.85
C PRO A 41 2.20 -0.39 -3.67
N LEU A 42 1.81 -1.67 -3.74
CA LEU A 42 1.81 -2.53 -2.55
C LEU A 42 2.91 -3.60 -2.55
N THR A 43 3.95 -3.46 -3.36
CA THR A 43 5.04 -4.45 -3.33
C THR A 43 6.18 -3.99 -2.44
N THR A 44 7.14 -4.87 -2.18
CA THR A 44 8.41 -4.46 -1.54
C THR A 44 9.15 -3.39 -2.31
N THR A 45 9.12 -3.52 -3.64
CA THR A 45 9.79 -2.55 -4.48
C THR A 45 9.28 -1.13 -4.24
N ASP A 46 7.99 -1.03 -3.93
CA ASP A 46 7.40 0.28 -3.65
C ASP A 46 7.89 0.91 -2.34
N VAL A 47 8.40 0.13 -1.42
CA VAL A 47 8.96 0.65 -0.17
C VAL A 47 10.37 1.21 -0.34
N ALA A 48 11.09 0.75 -1.36
CA ALA A 48 12.48 1.12 -1.50
C ALA A 48 12.67 2.57 -1.97
N ALA A 49 13.59 3.29 -1.32
CA ALA A 49 13.99 4.63 -1.81
C ALA A 49 14.60 4.59 -3.20
N GLY A 50 15.40 3.58 -3.41
CA GLY A 50 15.93 3.35 -4.75
C GLY A 50 17.33 3.87 -4.99
N LEU A 51 18.12 4.04 -3.93
CA LEU A 51 19.52 4.43 -4.14
C LEU A 51 20.29 3.26 -4.75
N TRP A 52 21.04 3.52 -5.82
CA TRP A 52 21.95 2.52 -6.35
C TRP A 52 23.11 2.42 -5.37
N GLN A 53 23.21 1.29 -4.66
CA GLN A 53 24.36 1.05 -3.81
C GLN A 53 24.37 -0.44 -3.44
N PRO A 54 25.33 -1.23 -3.93
CA PRO A 54 25.45 -2.63 -3.51
C PRO A 54 25.84 -2.71 -2.05
N TYR A 55 25.83 -3.92 -1.53
CA TYR A 55 26.38 -4.11 -0.18
C TYR A 55 27.85 -3.76 -0.11
N LEU A 56 28.34 -3.58 1.12
CA LEU A 56 29.74 -3.14 1.22
C LEU A 56 30.71 -4.29 0.94
N SER A 57 30.29 -5.48 1.37
CA SER A 57 31.02 -6.72 1.15
C SER A 57 30.92 -7.20 -0.30
N ASP A 58 31.94 -7.89 -0.75
CA ASP A 58 31.92 -8.48 -2.09
C ASP A 58 30.86 -9.59 -2.19
N PRO A 59 30.13 -9.71 -3.31
CA PRO A 59 29.12 -10.74 -3.44
C PRO A 59 29.75 -12.12 -3.52
N ASN A 60 29.06 -13.10 -2.93
CA ASN A 60 29.39 -14.51 -3.09
C ASN A 60 29.47 -14.99 -4.53
N ASN A 61 28.54 -14.52 -5.37
CA ASN A 61 28.65 -14.75 -6.81
C ASN A 61 29.21 -13.48 -7.44
N PRO A 62 30.43 -13.49 -8.00
CA PRO A 62 31.01 -12.30 -8.60
C PRO A 62 30.30 -11.78 -9.86
N GLN A 63 29.47 -12.59 -10.52
CA GLN A 63 28.63 -12.06 -11.59
C GLN A 63 27.70 -10.95 -11.15
N GLU A 64 27.33 -10.94 -9.87
CA GLU A 64 26.41 -9.92 -9.37
C GLU A 64 27.00 -8.52 -9.40
N ALA A 65 28.32 -8.43 -9.27
CA ALA A 65 29.02 -7.16 -9.46
C ALA A 65 28.91 -6.63 -10.88
N ASP A 66 28.98 -7.55 -11.85
CA ASP A 66 28.70 -7.20 -13.24
C ASP A 66 27.25 -6.75 -13.46
N TRP A 67 26.32 -7.45 -12.82
CA TRP A 67 24.92 -7.08 -13.03
C TRP A 67 24.55 -5.74 -12.43
N SER A 68 25.20 -5.42 -11.31
CA SER A 68 25.00 -4.11 -10.70
C SER A 68 25.61 -2.99 -11.56
N GLN A 69 26.81 -3.23 -12.08
CA GLN A 69 27.42 -2.22 -12.96
C GLN A 69 26.69 -1.99 -14.25
N GLN A 70 26.16 -3.08 -14.83
CA GLN A 70 25.31 -2.95 -16.00
C GLN A 70 24.06 -2.13 -15.75
N THR A 71 23.51 -2.29 -14.55
CA THR A 71 22.33 -1.51 -14.21
C THR A 71 22.71 -0.05 -14.04
N PHE A 72 23.85 0.21 -13.39
CA PHE A 72 24.25 1.59 -13.18
C PHE A 72 24.51 2.31 -14.50
N ASP A 73 25.28 1.66 -15.36
CA ASP A 73 25.62 2.25 -16.67
C ASP A 73 24.43 2.50 -17.55
N TYR A 74 23.49 1.56 -17.52
CA TYR A 74 22.21 1.70 -18.20
C TYR A 74 21.41 2.90 -17.74
N LEU A 75 21.21 2.98 -16.43
CA LEU A 75 20.50 4.11 -15.86
C LEU A 75 21.24 5.44 -16.06
N LEU A 76 22.56 5.46 -15.89
CA LEU A 76 23.31 6.71 -16.05
C LEU A 76 23.17 7.26 -17.47
N SER A 77 23.16 6.35 -18.45
CA SER A 77 22.99 6.75 -19.84
C SER A 77 21.67 7.47 -20.16
N HIS A 78 20.70 7.38 -19.26
CA HIS A 78 19.39 7.99 -19.41
C HIS A 78 19.05 9.03 -18.36
N VAL A 79 19.97 9.37 -17.48
CA VAL A 79 19.60 10.26 -16.37
C VAL A 79 19.35 11.70 -16.79
N HIS A 80 19.97 12.12 -17.88
CA HIS A 80 19.74 13.49 -18.36
C HIS A 80 18.70 13.50 -19.49
N SER A 81 18.03 12.36 -19.72
CA SER A 81 16.99 12.31 -20.73
C SER A 81 15.71 12.93 -20.22
N PRO A 82 14.92 13.63 -21.06
CA PRO A 82 13.53 13.90 -20.79
C PRO A 82 12.63 12.72 -20.40
N ASN A 83 13.06 11.46 -20.58
CA ASN A 83 12.32 10.31 -20.02
C ASN A 83 12.56 10.13 -18.51
N ALA A 84 13.64 10.70 -17.97
CA ALA A 84 14.08 10.38 -16.59
C ALA A 84 13.08 10.73 -15.52
N GLU A 85 12.37 11.83 -15.74
CA GLU A 85 11.33 12.22 -14.77
C GLU A 85 10.20 11.20 -14.64
N ASN A 86 9.84 10.53 -15.74
CA ASN A 86 8.83 9.48 -15.66
C ASN A 86 9.36 8.18 -15.07
N LEU A 87 10.67 7.94 -15.22
CA LEU A 87 11.23 6.76 -14.56
C LEU A 87 11.42 6.97 -13.05
N GLY A 88 11.52 8.23 -12.64
CA GLY A 88 11.86 8.53 -11.25
C GLY A 88 13.36 8.50 -11.02
N LEU A 89 14.13 8.89 -12.04
CA LEU A 89 15.58 8.65 -12.08
C LEU A 89 16.29 9.99 -11.92
N PHE A 90 17.23 10.13 -10.98
CA PHE A 90 18.02 11.38 -10.89
C PHE A 90 19.36 11.13 -10.20
N LEU A 91 20.29 12.07 -10.35
CA LEU A 91 21.61 11.92 -9.74
C LEU A 91 21.62 12.52 -8.33
N ILE A 92 22.40 11.91 -7.45
CA ILE A 92 22.49 12.40 -6.07
C ILE A 92 23.86 12.07 -5.53
N SER A 93 24.42 12.98 -4.73
CA SER A 93 25.67 12.68 -4.03
C SER A 93 25.45 12.53 -2.54
N GLY A 94 26.46 11.97 -1.85
CA GLY A 94 26.29 11.81 -0.43
C GLY A 94 27.40 11.01 0.22
N TYR A 95 27.14 10.73 1.49
CA TYR A 95 28.17 10.31 2.45
C TYR A 95 27.93 8.86 2.85
N ASN A 96 29.02 8.12 3.05
CA ASN A 96 28.97 6.82 3.75
C ASN A 96 29.89 6.95 4.93
N LEU A 97 29.37 6.75 6.13
CA LEU A 97 30.11 7.07 7.36
C LEU A 97 30.36 5.82 8.19
N PHE A 98 31.57 5.77 8.74
CA PHE A 98 32.04 4.61 9.52
C PHE A 98 32.69 5.07 10.80
N HIS A 99 32.74 4.19 11.81
CA HIS A 99 33.41 4.64 13.04
C HIS A 99 34.91 4.70 12.82
N GLU A 100 35.43 3.70 12.13
CA GLU A 100 36.85 3.62 11.81
C GLU A 100 37.04 3.21 10.36
N ALA A 101 38.30 3.23 9.95
CA ALA A 101 38.69 2.87 8.59
C ALA A 101 38.21 1.50 8.13
N ILE A 102 37.86 1.45 6.86
CA ILE A 102 37.30 0.26 6.23
C ILE A 102 37.90 0.24 4.82
N PRO A 103 38.10 -0.92 4.16
CA PRO A 103 38.49 -0.94 2.76
C PRO A 103 37.41 -0.41 1.84
N ASP A 104 37.90 0.12 0.73
CA ASP A 104 37.06 0.62 -0.36
C ASP A 104 36.13 -0.46 -0.89
N PRO A 105 34.94 -0.12 -1.37
CA PRO A 105 34.04 -1.12 -1.92
C PRO A 105 34.48 -1.46 -3.35
N SER A 106 34.09 -2.65 -3.80
CA SER A 106 34.33 -3.04 -5.18
C SER A 106 33.68 -2.15 -6.23
N TRP A 107 32.54 -1.57 -5.87
CA TRP A 107 31.82 -0.69 -6.79
C TRP A 107 32.34 0.75 -6.82
N LYS A 108 33.46 1.05 -6.17
CA LYS A 108 33.94 2.43 -6.13
C LYS A 108 34.25 3.07 -7.49
N ASP A 109 34.55 2.23 -8.47
CA ASP A 109 34.78 2.74 -9.80
C ASP A 109 33.54 2.71 -10.68
N THR A 110 32.42 2.19 -10.16
CA THR A 110 31.15 2.22 -10.92
C THR A 110 30.47 3.58 -10.75
N VAL A 111 30.41 4.05 -9.50
CA VAL A 111 29.83 5.36 -9.19
C VAL A 111 30.74 6.50 -9.65
N LEU A 112 30.27 7.74 -9.56
CA LEU A 112 31.02 8.88 -10.06
C LEU A 112 31.74 9.60 -8.92
N GLY A 113 32.98 9.98 -9.15
CA GLY A 113 33.69 10.85 -8.21
C GLY A 113 33.96 10.26 -6.82
N PHE A 114 34.13 8.94 -6.71
CA PHE A 114 34.38 8.34 -5.39
C PHE A 114 35.67 8.85 -4.75
N ARG A 115 35.57 9.20 -3.47
CA ARG A 115 36.72 9.64 -2.70
C ARG A 115 36.52 9.36 -1.22
N LYS A 116 37.61 9.40 -0.45
CA LYS A 116 37.50 9.43 1.01
C LYS A 116 37.07 10.83 1.43
N LEU A 117 36.36 10.92 2.54
CA LEU A 117 36.07 12.22 3.14
C LEU A 117 37.31 12.86 3.76
N THR A 118 37.35 14.18 3.67
CA THR A 118 38.39 14.98 4.29
C THR A 118 38.15 15.20 5.78
N PRO A 119 39.19 15.59 6.54
CA PRO A 119 39.04 15.98 7.94
C PRO A 119 37.98 17.01 8.24
N ARG A 120 37.90 18.08 7.43
CA ARG A 120 36.85 19.07 7.69
C ARG A 120 35.44 18.55 7.44
N GLU A 121 35.29 17.65 6.47
CA GLU A 121 34.00 17.00 6.28
C GLU A 121 33.65 16.07 7.42
N LEU A 122 34.63 15.32 7.86
CA LEU A 122 34.42 14.45 9.01
C LEU A 122 34.13 15.16 10.31
N ASP A 123 34.63 16.40 10.45
CA ASP A 123 34.23 17.24 11.58
C ASP A 123 32.74 17.54 11.64
N MET A 124 32.03 17.44 10.52
CA MET A 124 30.57 17.63 10.57
C MET A 124 29.80 16.49 11.24
N PHE A 125 30.45 15.35 11.46
CA PHE A 125 29.77 14.16 11.94
C PHE A 125 30.45 13.69 13.21
N PRO A 126 30.09 14.22 14.39
CA PRO A 126 30.77 13.93 15.64
C PRO A 126 31.01 12.45 15.97
N ASP A 127 30.07 11.60 15.55
CA ASP A 127 30.15 10.19 15.91
C ASP A 127 30.95 9.31 14.94
N TYR A 128 31.47 9.88 13.85
CA TYR A 128 32.09 9.07 12.79
C TYR A 128 33.49 9.55 12.47
N GLY A 129 34.43 8.63 12.35
CA GLY A 129 35.81 9.06 12.10
C GLY A 129 36.34 8.78 10.70
N TYR A 130 35.51 8.20 9.84
CA TYR A 130 35.99 7.76 8.52
C TYR A 130 34.82 7.75 7.56
N GLY A 131 35.07 7.99 6.26
CA GLY A 131 33.96 7.76 5.32
C GLY A 131 34.29 8.11 3.90
N TRP A 132 33.24 8.01 3.08
CA TRP A 132 33.35 8.23 1.64
C TRP A 132 32.39 9.33 1.22
N PHE A 133 32.70 9.91 0.07
CA PHE A 133 31.76 10.72 -0.67
C PHE A 133 31.73 10.20 -2.09
N HIS A 134 30.56 10.13 -2.70
CA HIS A 134 30.47 9.85 -4.13
C HIS A 134 29.15 10.33 -4.69
N THR A 135 29.04 10.24 -6.02
CA THR A 135 27.78 10.56 -6.69
C THR A 135 27.21 9.27 -7.27
N SER A 136 25.94 9.03 -6.98
CA SER A 136 25.22 7.87 -7.48
C SER A 136 23.90 8.32 -8.12
N LEU A 137 22.96 7.41 -8.20
CA LEU A 137 21.64 7.61 -8.83
C LEU A 137 20.58 7.08 -7.88
N ILE A 138 19.41 7.70 -7.96
CA ILE A 138 18.21 7.15 -7.33
C ILE A 138 17.27 6.74 -8.44
N LEU A 139 16.65 5.58 -8.27
CA LEU A 139 15.58 5.13 -9.14
C LEU A 139 14.42 4.77 -8.24
N GLU A 140 13.46 5.68 -8.12
CA GLU A 140 12.41 5.50 -7.13
C GLU A 140 11.48 4.35 -7.50
N GLY A 141 11.23 3.48 -6.52
CA GLY A 141 10.63 2.19 -6.85
C GLY A 141 9.22 2.28 -7.37
N LYS A 142 8.37 3.06 -6.68
CA LYS A 142 6.98 3.24 -7.15
C LYS A 142 6.85 3.80 -8.54
N ASN A 143 7.55 4.90 -8.77
CA ASN A 143 7.61 5.50 -10.10
C ASN A 143 8.05 4.59 -11.21
N TYR A 144 9.12 3.86 -10.92
CA TYR A 144 9.65 2.96 -11.93
C TYR A 144 8.72 1.79 -12.20
N LEU A 145 8.06 1.25 -11.17
CA LEU A 145 7.04 0.22 -11.43
C LEU A 145 5.88 0.70 -12.28
N GLN A 146 5.46 1.94 -12.04
CA GLN A 146 4.42 2.55 -12.85
C GLN A 146 4.84 2.68 -14.31
N TRP A 147 6.09 3.11 -14.49
CA TRP A 147 6.64 3.25 -15.84
C TRP A 147 6.78 1.91 -16.55
N LEU A 148 7.30 0.91 -15.83
CA LEU A 148 7.41 -0.43 -16.41
C LEU A 148 6.05 -1.00 -16.79
N THR A 149 5.08 -0.75 -15.92
CA THR A 149 3.72 -1.21 -16.17
C THR A 149 3.14 -0.57 -17.44
N GLU A 150 3.35 0.71 -17.63
CA GLU A 150 2.88 1.33 -18.88
C GLU A 150 3.57 0.80 -20.13
N ARG A 151 4.88 0.57 -20.03
CA ARG A 151 5.59 0.01 -21.19
C ARG A 151 5.13 -1.41 -21.55
N LEU A 152 4.91 -2.22 -20.53
CA LEU A 152 4.37 -3.57 -20.73
C LEU A 152 2.95 -3.56 -21.32
N THR A 153 2.12 -2.66 -20.80
CA THR A 153 0.71 -2.63 -21.20
C THR A 153 0.56 -2.21 -22.67
N GLU A 154 1.34 -1.21 -23.07
CA GLU A 154 1.37 -0.81 -24.47
C GLU A 154 1.94 -1.87 -25.44
N ARG A 155 2.66 -2.86 -24.93
CA ARG A 155 3.16 -3.97 -25.74
C ARG A 155 2.25 -5.21 -25.67
N GLY A 156 1.10 -5.06 -25.03
CA GLY A 156 0.13 -6.13 -25.05
C GLY A 156 0.31 -7.16 -23.95
N VAL A 157 1.19 -6.92 -22.99
CA VAL A 157 1.35 -7.87 -21.87
C VAL A 157 0.15 -7.69 -20.94
N LYS A 158 -0.53 -8.79 -20.63
CA LYS A 158 -1.72 -8.72 -19.78
C LYS A 158 -1.37 -9.13 -18.34
N PHE A 159 -2.05 -8.48 -17.40
CA PHE A 159 -1.74 -8.64 -15.97
C PHE A 159 -2.98 -9.21 -15.29
N PHE A 160 -2.76 -10.07 -14.31
CA PHE A 160 -3.85 -10.75 -13.62
C PHE A 160 -3.51 -10.81 -12.16
N GLN A 161 -4.47 -10.49 -11.30
CA GLN A 161 -4.22 -10.54 -9.88
C GLN A 161 -4.67 -11.89 -9.31
N ARG A 162 -3.69 -12.62 -8.81
CA ARG A 162 -3.95 -13.94 -8.23
C ARG A 162 -2.77 -14.39 -7.40
N LYS A 163 -3.05 -15.19 -6.38
CA LYS A 163 -2.01 -15.88 -5.67
C LYS A 163 -1.89 -17.25 -6.32
N VAL A 164 -0.70 -17.53 -6.84
CA VAL A 164 -0.40 -18.82 -7.44
C VAL A 164 -0.02 -19.80 -6.31
N GLU A 165 -0.61 -20.99 -6.32
CA GLU A 165 -0.30 -21.98 -5.27
C GLU A 165 0.77 -22.95 -5.72
N SER A 166 0.93 -23.15 -7.02
CA SER A 166 1.96 -24.07 -7.51
C SER A 166 2.39 -23.73 -8.93
N PHE A 167 3.58 -24.18 -9.29
CA PHE A 167 3.97 -24.13 -10.71
C PHE A 167 3.11 -25.01 -11.59
N GLU A 168 2.69 -26.17 -11.08
CA GLU A 168 1.74 -27.01 -11.80
C GLU A 168 0.43 -26.33 -12.17
N GLU A 169 -0.14 -25.53 -11.26
CA GLU A 169 -1.35 -24.75 -11.54
C GLU A 169 -1.19 -23.89 -12.80
N VAL A 170 -0.06 -23.22 -12.90
CA VAL A 170 0.22 -22.35 -14.06
C VAL A 170 0.49 -23.17 -15.33
N ALA A 171 1.23 -24.26 -15.17
CA ALA A 171 1.49 -25.17 -16.30
C ALA A 171 0.22 -25.77 -16.87
N ARG A 172 -0.72 -26.12 -16.01
CA ARG A 172 -2.00 -26.65 -16.47
C ARG A 172 -2.87 -25.66 -17.22
N GLU A 173 -2.62 -24.38 -17.02
CA GLU A 173 -3.31 -23.36 -17.80
C GLU A 173 -2.63 -23.09 -19.16
N GLY A 174 -1.49 -23.71 -19.38
CA GLY A 174 -0.89 -23.71 -20.71
C GLY A 174 0.40 -22.94 -20.82
N ALA A 175 1.05 -22.59 -19.71
CA ALA A 175 2.33 -21.91 -19.84
C ALA A 175 3.42 -22.86 -20.34
N ASP A 176 4.17 -22.42 -21.32
CA ASP A 176 5.36 -23.14 -21.76
C ASP A 176 6.58 -22.74 -20.94
N VAL A 177 6.63 -21.49 -20.49
CA VAL A 177 7.74 -21.01 -19.67
C VAL A 177 7.15 -20.24 -18.51
N ILE A 178 7.66 -20.51 -17.31
CA ILE A 178 7.29 -19.71 -16.13
C ILE A 178 8.54 -19.00 -15.66
N VAL A 179 8.44 -17.69 -15.40
CA VAL A 179 9.53 -16.94 -14.82
C VAL A 179 9.10 -16.60 -13.39
N ASN A 180 9.88 -17.10 -12.44
CA ASN A 180 9.54 -17.03 -11.03
C ASN A 180 10.26 -15.85 -10.37
N CYS A 181 9.52 -14.75 -10.24
CA CYS A 181 10.04 -13.50 -9.68
C CYS A 181 9.25 -13.12 -8.44
N THR A 182 9.23 -14.04 -7.48
CA THR A 182 8.32 -13.90 -6.34
C THR A 182 8.98 -13.34 -5.09
N GLY A 183 10.18 -12.79 -5.22
CA GLY A 183 10.85 -12.12 -4.11
C GLY A 183 10.93 -12.99 -2.85
N VAL A 184 10.56 -12.43 -1.71
CA VAL A 184 10.79 -13.14 -0.45
C VAL A 184 9.87 -14.33 -0.24
N TRP A 185 8.82 -14.40 -1.04
CA TRP A 185 7.80 -15.44 -0.88
C TRP A 185 8.05 -16.65 -1.77
N ALA A 186 9.18 -16.69 -2.47
CA ALA A 186 9.47 -17.81 -3.40
C ALA A 186 9.41 -19.20 -2.77
N GLY A 187 9.72 -19.27 -1.49
CA GLY A 187 9.66 -20.51 -0.73
C GLY A 187 8.33 -21.22 -0.69
N ALA A 188 7.26 -20.45 -0.84
CA ALA A 188 5.94 -21.06 -0.94
C ALA A 188 5.70 -21.84 -2.22
N LEU A 189 6.42 -21.54 -3.31
CA LEU A 189 6.25 -22.31 -4.53
C LEU A 189 7.26 -23.45 -4.64
N GLN A 190 8.40 -23.29 -4.02
CA GLN A 190 9.38 -24.34 -3.96
C GLN A 190 10.20 -24.03 -2.75
N ARG A 191 10.30 -24.96 -1.81
CA ARG A 191 11.05 -24.66 -0.61
C ARG A 191 12.49 -24.26 -0.89
N ASP A 192 12.90 -23.22 -0.19
CA ASP A 192 14.25 -22.70 -0.29
C ASP A 192 14.65 -22.23 1.08
N PRO A 193 15.35 -23.06 1.87
CA PRO A 193 15.69 -22.67 3.23
C PRO A 193 16.76 -21.62 3.33
N LEU A 194 17.44 -21.29 2.22
CA LEU A 194 18.37 -20.18 2.23
C LEU A 194 17.70 -18.80 2.06
N LEU A 195 16.42 -18.77 1.70
CA LEU A 195 15.72 -17.49 1.50
C LEU A 195 14.97 -17.12 2.78
N GLN A 196 15.20 -15.91 3.27
CA GLN A 196 14.58 -15.44 4.51
C GLN A 196 14.18 -13.98 4.35
N PRO A 197 13.20 -13.48 5.13
CA PRO A 197 12.89 -12.06 5.11
C PRO A 197 13.92 -11.26 5.88
N GLY A 198 14.34 -10.13 5.31
CA GLY A 198 15.07 -9.17 6.10
C GLY A 198 14.18 -7.99 6.26
N ARG A 199 13.45 -7.95 7.37
CA ARG A 199 12.39 -6.95 7.53
C ARG A 199 13.01 -5.57 7.68
N GLY A 200 12.47 -4.59 6.96
CA GLY A 200 12.89 -3.22 7.19
C GLY A 200 11.69 -2.33 7.44
N GLN A 201 11.95 -1.22 8.09
CA GLN A 201 10.94 -0.19 8.30
C GLN A 201 11.59 1.15 7.96
N ILE A 202 10.82 2.04 7.38
CA ILE A 202 11.28 3.38 7.00
C ILE A 202 10.23 4.38 7.39
N MET A 203 10.63 5.64 7.40
CA MET A 203 9.75 6.76 7.61
C MET A 203 9.96 7.71 6.43
N LYS A 204 8.92 8.38 5.96
CA LYS A 204 9.09 9.41 4.93
C LYS A 204 8.82 10.77 5.60
N VAL A 205 9.66 11.77 5.34
CA VAL A 205 9.63 13.03 6.07
C VAL A 205 9.76 14.18 5.07
N ASP A 206 9.19 15.33 5.37
CA ASP A 206 9.30 16.51 4.50
C ASP A 206 10.50 17.30 4.98
N ALA A 207 11.60 17.21 4.23
CA ALA A 207 12.82 17.90 4.62
C ALA A 207 13.55 18.37 3.38
N PRO A 208 13.00 19.35 2.64
CA PRO A 208 13.45 19.60 1.29
C PRO A 208 14.79 20.32 1.18
N TRP A 209 15.31 20.81 2.30
CA TRP A 209 16.68 21.27 2.33
C TRP A 209 17.74 20.17 2.29
N MET A 210 17.35 18.90 2.36
CA MET A 210 18.35 17.83 2.40
C MET A 210 18.72 17.46 0.97
N LYS A 211 19.94 17.74 0.59
CA LYS A 211 20.32 17.55 -0.81
C LYS A 211 21.27 16.36 -0.97
N HIS A 212 21.68 15.73 0.12
CA HIS A 212 22.60 14.61 0.05
C HIS A 212 22.00 13.39 0.72
N PHE A 213 22.42 12.19 0.29
CA PHE A 213 22.16 11.01 1.13
C PHE A 213 23.24 10.94 2.22
N ILE A 214 22.91 10.27 3.31
CA ILE A 214 23.83 10.05 4.41
C ILE A 214 23.56 8.64 4.90
N LEU A 215 24.50 7.73 4.66
CA LEU A 215 24.38 6.34 5.10
C LEU A 215 25.43 6.12 6.17
N THR A 216 25.03 5.64 7.34
CA THR A 216 26.00 5.28 8.38
C THR A 216 26.05 3.78 8.46
N HIS A 217 27.15 3.26 9.00
CA HIS A 217 27.32 1.82 9.04
C HIS A 217 27.83 1.39 10.40
N ASP A 218 27.40 0.22 10.83
CA ASP A 218 27.99 -0.46 11.99
C ASP A 218 28.02 -1.92 11.60
N PRO A 219 29.03 -2.36 10.83
CA PRO A 219 28.94 -3.62 10.12
C PRO A 219 28.68 -4.85 10.98
N GLU A 220 29.18 -4.84 12.21
CA GLU A 220 28.92 -5.98 13.09
C GLU A 220 27.45 -6.11 13.47
N ARG A 221 26.74 -5.00 13.52
CA ARG A 221 25.29 -5.08 13.78
C ARG A 221 24.49 -5.42 12.52
N GLY A 222 25.17 -5.46 11.38
CA GLY A 222 24.58 -5.88 10.13
C GLY A 222 24.33 -4.68 9.23
N ILE A 223 24.37 -4.91 7.91
CA ILE A 223 24.08 -3.84 6.95
C ILE A 223 22.65 -3.35 7.14
N TYR A 224 22.53 -2.03 7.13
CA TYR A 224 21.27 -1.32 7.25
C TYR A 224 20.65 -1.35 8.63
N ASN A 225 21.40 -1.83 9.64
CA ASN A 225 21.05 -1.64 11.05
C ASN A 225 21.80 -0.47 11.64
N SER A 226 21.78 0.62 10.88
CA SER A 226 22.42 1.85 11.26
C SER A 226 21.66 2.95 10.54
N PRO A 227 21.54 4.17 11.08
CA PRO A 227 20.74 5.21 10.45
C PRO A 227 21.12 5.54 9.02
N TYR A 228 20.11 5.77 8.20
CA TYR A 228 20.32 6.30 6.85
C TYR A 228 19.27 7.31 6.48
N ILE A 229 19.66 8.27 5.64
CA ILE A 229 18.80 9.37 5.20
C ILE A 229 18.94 9.47 3.68
N ILE A 230 17.84 9.37 2.94
CA ILE A 230 17.94 9.36 1.48
C ILE A 230 16.87 10.30 0.89
N PRO A 231 17.26 11.50 0.41
CA PRO A 231 16.32 12.39 -0.27
C PRO A 231 15.75 11.75 -1.53
N GLY A 232 14.43 11.80 -1.66
CA GLY A 232 13.81 11.42 -2.90
C GLY A 232 13.43 12.68 -3.66
N THR A 233 12.57 12.52 -4.63
CA THR A 233 12.07 13.70 -5.35
C THR A 233 11.21 14.59 -4.45
N GLN A 234 10.29 14.00 -3.70
CA GLN A 234 9.30 14.79 -2.96
C GLN A 234 9.52 14.77 -1.46
N THR A 235 10.11 13.71 -0.96
CA THR A 235 10.20 13.47 0.46
C THR A 235 11.56 12.85 0.75
N VAL A 236 11.95 12.78 2.02
CA VAL A 236 13.23 12.19 2.41
C VAL A 236 12.88 10.88 3.14
N THR A 237 13.57 9.81 2.78
CA THR A 237 13.42 8.52 3.49
C THR A 237 14.39 8.47 4.67
N LEU A 238 13.88 8.11 5.85
CA LEU A 238 14.69 7.80 7.01
C LEU A 238 14.57 6.30 7.28
N GLY A 239 15.70 5.65 7.53
CA GLY A 239 15.63 4.23 7.85
C GLY A 239 16.78 3.77 8.69
N GLY A 240 16.92 2.45 8.75
CA GLY A 240 17.96 1.82 9.51
C GLY A 240 17.51 0.62 10.33
N ILE A 241 16.67 -0.26 9.74
CA ILE A 241 16.17 -1.47 10.40
C ILE A 241 16.40 -2.68 9.49
N PHE A 242 17.03 -3.74 9.99
CA PHE A 242 17.17 -4.97 9.19
C PHE A 242 17.04 -6.13 10.15
N GLN A 243 15.90 -6.80 10.13
CA GLN A 243 15.61 -7.87 11.10
C GLN A 243 15.38 -9.17 10.38
N LEU A 244 16.38 -10.03 10.44
CA LEU A 244 16.29 -11.32 9.77
C LEU A 244 15.24 -12.23 10.38
N GLY A 245 14.39 -12.77 9.53
CA GLY A 245 13.45 -13.76 10.00
C GLY A 245 12.11 -13.20 10.46
N ASN A 246 12.00 -11.87 10.51
CA ASN A 246 10.77 -11.26 11.05
C ASN A 246 9.77 -11.05 9.91
N TRP A 247 8.61 -11.69 10.00
CA TRP A 247 7.58 -11.58 8.98
C TRP A 247 6.43 -10.61 9.35
N SER A 248 6.61 -9.73 10.32
CA SER A 248 5.50 -8.88 10.69
C SER A 248 5.38 -7.67 9.76
N GLU A 249 4.31 -7.63 8.96
CA GLU A 249 4.12 -6.51 8.04
C GLU A 249 3.29 -5.44 8.74
N LEU A 250 3.95 -4.74 9.64
CA LEU A 250 3.28 -3.83 10.56
C LEU A 250 4.36 -2.92 11.08
N ASN A 251 4.14 -1.62 10.92
CA ASN A 251 5.05 -0.65 11.51
C ASN A 251 4.99 -0.71 13.01
N ASN A 252 6.14 -0.68 13.67
CA ASN A 252 6.08 -0.71 15.12
C ASN A 252 6.76 0.49 15.71
N ILE A 253 6.30 0.82 16.92
CA ILE A 253 6.72 2.04 17.56
C ILE A 253 8.17 2.00 18.03
N GLN A 254 8.65 0.81 18.39
CA GLN A 254 10.04 0.69 18.79
C GLN A 254 11.01 0.99 17.64
N ASP A 255 10.68 0.45 16.48
CA ASP A 255 11.50 0.73 15.28
C ASP A 255 11.32 2.15 14.78
N HIS A 256 10.10 2.68 14.85
CA HIS A 256 9.89 4.12 14.68
C HIS A 256 10.85 4.97 15.49
N ASN A 257 10.91 4.70 16.79
CA ASN A 257 11.79 5.48 17.65
C ASN A 257 13.26 5.27 17.36
N THR A 258 13.64 4.06 16.98
CA THR A 258 15.02 3.81 16.56
C THR A 258 15.42 4.65 15.35
N ILE A 259 14.52 4.67 14.36
CA ILE A 259 14.77 5.41 13.14
C ILE A 259 14.83 6.90 13.41
N TRP A 260 13.82 7.41 14.10
CA TRP A 260 13.74 8.85 14.35
C TRP A 260 14.89 9.37 15.17
N GLU A 261 15.19 8.67 16.26
CA GLU A 261 16.21 9.17 17.17
C GLU A 261 17.59 8.99 16.59
N GLY A 262 17.78 7.93 15.84
CA GLY A 262 19.08 7.74 15.20
C GLY A 262 19.31 8.73 14.07
N CYS A 263 18.27 8.97 13.26
CA CYS A 263 18.46 9.94 12.19
C CYS A 263 18.52 11.40 12.68
N CYS A 264 17.80 11.73 13.75
CA CYS A 264 17.95 13.07 14.31
C CYS A 264 19.26 13.30 15.03
N ARG A 265 19.88 12.25 15.58
CA ARG A 265 21.25 12.39 16.08
C ARG A 265 22.26 12.62 14.95
N LEU A 266 22.02 11.96 13.83
CA LEU A 266 22.86 12.11 12.63
C LEU A 266 22.74 13.49 12.01
N GLU A 267 21.51 13.97 11.94
CA GLU A 267 21.20 15.20 11.25
C GLU A 267 20.17 15.95 12.08
N PRO A 268 20.60 16.79 13.06
CA PRO A 268 19.68 17.47 13.96
C PRO A 268 18.61 18.34 13.32
N THR A 269 18.82 18.81 12.08
CA THR A 269 17.77 19.54 11.38
C THR A 269 16.48 18.75 11.15
N LEU A 270 16.56 17.42 11.19
CA LEU A 270 15.38 16.60 11.00
C LEU A 270 14.38 16.70 12.14
N LYS A 271 14.81 17.23 13.30
CA LYS A 271 13.88 17.44 14.42
C LYS A 271 12.70 18.35 14.09
N ASN A 272 12.90 19.21 13.10
CA ASN A 272 11.87 20.10 12.60
C ASN A 272 11.07 19.50 11.43
N ALA A 273 11.42 18.31 10.96
CA ALA A 273 10.82 17.82 9.70
C ALA A 273 9.50 17.12 10.00
N ARG A 274 8.51 17.35 9.15
CA ARG A 274 7.21 16.73 9.33
C ARG A 274 7.21 15.28 8.83
N ILE A 275 6.68 14.37 9.64
CA ILE A 275 6.60 12.96 9.28
C ILE A 275 5.36 12.75 8.43
N ILE A 276 5.57 12.16 7.27
CA ILE A 276 4.52 12.00 6.27
C ILE A 276 3.96 10.58 6.29
N GLY A 277 4.83 9.60 6.50
CA GLY A 277 4.40 8.22 6.30
C GLY A 277 5.42 7.25 6.84
N GLU A 278 5.03 5.98 6.91
CA GLU A 278 5.89 4.95 7.49
C GLU A 278 5.49 3.63 6.83
N ARG A 279 6.47 2.81 6.47
CA ARG A 279 6.22 1.59 5.72
C ARG A 279 7.13 0.49 6.24
N THR A 280 6.68 -0.73 6.07
CA THR A 280 7.48 -1.91 6.38
C THR A 280 7.61 -2.73 5.09
N GLY A 281 8.75 -3.35 4.84
CA GLY A 281 8.84 -4.30 3.75
C GLY A 281 9.81 -5.43 4.07
N PHE A 282 9.84 -6.42 3.20
CA PHE A 282 10.69 -7.60 3.42
C PHE A 282 11.72 -7.75 2.32
N ARG A 283 12.98 -7.47 2.66
CA ARG A 283 14.07 -7.78 1.74
C ARG A 283 14.19 -9.30 1.51
N PRO A 284 14.29 -9.79 0.25
CA PRO A 284 14.40 -11.21 -0.01
C PRO A 284 15.84 -11.65 0.17
N VAL A 285 16.21 -11.98 1.40
CA VAL A 285 17.62 -12.21 1.72
C VAL A 285 17.98 -13.63 1.35
N ARG A 286 19.08 -13.74 0.62
CA ARG A 286 19.64 -15.05 0.25
C ARG A 286 21.14 -14.87 0.19
N PRO A 287 21.97 -15.90 0.39
CA PRO A 287 23.42 -15.72 0.23
C PRO A 287 23.89 -15.36 -1.18
N GLN A 288 23.08 -15.68 -2.18
CA GLN A 288 23.26 -15.11 -3.50
C GLN A 288 21.89 -15.12 -4.16
N ILE A 289 21.73 -14.28 -5.19
CA ILE A 289 20.52 -14.34 -6.00
C ILE A 289 20.39 -15.72 -6.64
N ARG A 290 19.16 -16.20 -6.69
CA ARG A 290 18.92 -17.40 -7.47
C ARG A 290 18.47 -16.97 -8.86
N LEU A 291 19.35 -17.17 -9.84
CA LEU A 291 19.05 -16.75 -11.20
C LEU A 291 19.47 -17.87 -12.10
N GLU A 292 18.52 -18.74 -12.43
CA GLU A 292 18.89 -20.06 -13.02
C GLU A 292 17.67 -20.75 -13.58
N ARG A 293 17.90 -21.67 -14.52
CA ARG A 293 16.84 -22.45 -15.13
C ARG A 293 16.60 -23.74 -14.35
N GLU A 294 15.37 -24.23 -14.43
CA GLU A 294 15.01 -25.55 -13.89
C GLU A 294 13.97 -26.17 -14.80
N GLN A 295 13.98 -27.51 -14.93
CA GLN A 295 12.89 -28.19 -15.62
C GLN A 295 12.01 -28.82 -14.54
N LEU A 296 10.71 -28.57 -14.54
CA LEU A 296 9.84 -29.10 -13.50
C LEU A 296 8.89 -30.07 -14.12
N ARG A 297 8.52 -31.10 -13.38
CA ARG A 297 7.51 -32.03 -13.87
C ARG A 297 6.19 -31.54 -13.33
N THR A 298 5.23 -31.36 -14.22
CA THR A 298 4.00 -30.66 -13.88
C THR A 298 2.83 -31.48 -14.37
N GLY A 299 2.60 -32.60 -13.71
CA GLY A 299 1.58 -33.49 -14.18
C GLY A 299 2.07 -34.27 -15.39
N PRO A 300 1.35 -34.25 -16.52
CA PRO A 300 1.74 -34.98 -17.71
C PRO A 300 2.90 -34.40 -18.51
N SER A 301 3.27 -33.15 -18.25
CA SER A 301 4.28 -32.46 -19.03
C SER A 301 5.43 -32.04 -18.14
N ASN A 302 6.55 -31.74 -18.76
CA ASN A 302 7.55 -30.85 -18.14
C ASN A 302 7.25 -29.39 -18.49
N THR A 303 7.76 -28.50 -17.65
CA THR A 303 7.66 -27.08 -17.86
C THR A 303 9.02 -26.46 -17.60
N GLU A 304 9.38 -25.46 -18.40
CA GLU A 304 10.61 -24.73 -18.17
C GLU A 304 10.35 -23.61 -17.18
N VAL A 305 11.25 -23.47 -16.22
CA VAL A 305 11.17 -22.40 -15.24
C VAL A 305 12.46 -21.62 -15.28
N ILE A 306 12.36 -20.29 -15.16
CA ILE A 306 13.53 -19.48 -14.86
C ILE A 306 13.27 -18.89 -13.48
N HIS A 307 14.17 -19.11 -12.55
CA HIS A 307 14.05 -18.44 -11.23
C HIS A 307 14.79 -17.13 -11.27
N ASN A 308 14.24 -16.06 -10.67
CA ASN A 308 14.94 -14.80 -10.54
C ASN A 308 14.51 -14.15 -9.23
N TYR A 309 15.15 -14.53 -8.12
CA TYR A 309 14.74 -14.05 -6.81
C TYR A 309 15.89 -14.06 -5.82
N GLY A 310 15.71 -13.35 -4.70
CA GLY A 310 16.76 -13.34 -3.70
C GLY A 310 17.64 -12.12 -3.69
N HIS A 311 17.12 -10.98 -4.11
CA HIS A 311 17.93 -9.77 -4.33
C HIS A 311 18.15 -8.88 -3.11
N GLY A 312 17.77 -9.39 -1.91
CA GLY A 312 18.09 -8.70 -0.68
C GLY A 312 17.75 -7.21 -0.62
N GLY A 313 18.72 -6.43 -0.17
CA GLY A 313 18.56 -4.98 -0.11
C GLY A 313 19.11 -4.27 -1.36
N TYR A 314 19.17 -4.97 -2.49
CA TYR A 314 19.81 -4.40 -3.70
C TYR A 314 19.07 -4.69 -4.99
N GLY A 315 17.78 -5.02 -4.89
CA GLY A 315 17.01 -5.33 -6.09
C GLY A 315 16.90 -4.21 -7.10
N LEU A 316 16.70 -2.96 -6.68
CA LEU A 316 16.73 -1.87 -7.68
C LEU A 316 18.10 -1.63 -8.27
N THR A 317 19.11 -1.76 -7.43
CA THR A 317 20.51 -1.58 -7.82
C THR A 317 20.96 -2.56 -8.90
N ILE A 318 20.41 -3.78 -8.90
CA ILE A 318 20.93 -4.83 -9.78
C ILE A 318 19.94 -5.29 -10.84
N HIS A 319 18.71 -4.77 -10.80
CA HIS A 319 17.61 -5.43 -11.52
C HIS A 319 17.84 -5.58 -13.04
N TRP A 320 18.56 -4.63 -13.65
CA TRP A 320 18.60 -4.62 -15.12
C TRP A 320 19.57 -5.67 -15.61
N GLY A 321 20.72 -5.76 -14.94
CA GLY A 321 21.64 -6.85 -15.25
C GLY A 321 21.04 -8.23 -15.02
N CYS A 322 20.22 -8.37 -13.96
CA CYS A 322 19.50 -9.63 -13.76
C CYS A 322 18.46 -9.92 -14.81
N ALA A 323 17.78 -8.86 -15.23
CA ALA A 323 16.72 -9.02 -16.23
C ALA A 323 17.31 -9.40 -17.57
N LEU A 324 18.47 -8.82 -17.88
CA LEU A 324 19.17 -9.23 -19.10
C LEU A 324 19.67 -10.66 -19.02
N GLU A 325 20.15 -11.08 -17.86
CA GLU A 325 20.56 -12.47 -17.63
C GLU A 325 19.42 -13.47 -17.73
N ALA A 326 18.29 -13.12 -17.12
CA ALA A 326 17.08 -13.92 -17.28
C ALA A 326 16.64 -14.04 -18.74
N ALA A 327 16.69 -12.94 -19.47
CA ALA A 327 16.40 -13.05 -20.91
C ALA A 327 17.41 -13.91 -21.70
N LYS A 328 18.69 -13.89 -21.36
CA LYS A 328 19.64 -14.85 -21.95
C LYS A 328 19.25 -16.31 -21.70
N LEU A 329 18.85 -16.61 -20.47
CA LEU A 329 18.35 -17.95 -20.14
C LEU A 329 17.12 -18.31 -20.94
N PHE A 330 16.25 -17.31 -21.15
CA PHE A 330 15.07 -17.51 -21.99
C PHE A 330 15.45 -17.84 -23.45
N GLY A 331 16.51 -17.21 -23.95
CA GLY A 331 16.96 -17.53 -25.30
C GLY A 331 17.55 -18.93 -25.45
N ARG A 332 18.18 -19.42 -24.38
CA ARG A 332 18.62 -20.83 -24.36
C ARG A 332 17.47 -21.82 -24.44
N ILE A 333 16.37 -21.49 -23.76
CA ILE A 333 15.14 -22.27 -23.89
C ILE A 333 14.64 -22.29 -25.32
N LEU A 334 14.61 -21.13 -25.96
CA LEU A 334 14.14 -21.10 -27.34
C LEU A 334 15.01 -21.91 -28.30
N GLU A 335 16.32 -21.79 -28.12
CA GLU A 335 17.29 -22.55 -28.90
C GLU A 335 17.14 -24.07 -28.74
N GLU A 336 16.86 -24.51 -27.52
CA GLU A 336 16.57 -25.91 -27.26
C GLU A 336 15.21 -26.34 -27.80
N LYS A 337 14.20 -25.49 -27.73
CA LYS A 337 12.89 -25.78 -28.33
C LYS A 337 12.92 -25.99 -29.85
N LYS A 338 13.86 -25.33 -30.53
CA LYS A 338 14.05 -25.59 -31.96
C LYS A 338 14.61 -26.98 -32.24
N LEU A 339 15.42 -27.44 -31.32
CA LEU A 339 16.14 -28.71 -31.43
C LEU A 339 15.37 -29.84 -30.72
N SER A 340 14.06 -29.84 -30.88
CA SER A 340 13.23 -30.86 -30.24
C SER A 340 13.31 -32.21 -30.99
N MET B 1 -11.04 -8.47 31.17
CA MET B 1 -11.48 -9.34 30.06
C MET B 1 -10.41 -9.35 28.99
N ARG B 2 -10.22 -10.48 28.30
CA ARG B 2 -9.30 -10.53 27.16
C ARG B 2 -10.09 -10.41 25.87
N VAL B 3 -9.78 -9.36 25.11
CA VAL B 3 -10.51 -9.02 23.91
C VAL B 3 -9.52 -9.09 22.73
N VAL B 4 -9.96 -9.66 21.62
CA VAL B 4 -9.21 -9.55 20.36
C VAL B 4 -10.10 -8.86 19.35
N VAL B 5 -9.62 -7.80 18.73
CA VAL B 5 -10.29 -7.20 17.59
C VAL B 5 -9.62 -7.74 16.33
N ILE B 6 -10.40 -8.26 15.41
CA ILE B 6 -9.83 -8.77 14.17
C ILE B 6 -10.12 -7.69 13.12
N GLY B 7 -9.06 -7.12 12.58
CA GLY B 7 -9.17 -6.07 11.58
C GLY B 7 -8.65 -4.71 12.03
N ALA B 8 -7.99 -4.03 11.10
CA ALA B 8 -7.29 -2.80 11.41
C ALA B 8 -7.61 -1.73 10.38
N GLY B 9 -8.80 -1.82 9.78
CA GLY B 9 -9.34 -0.71 9.01
C GLY B 9 -10.11 0.22 9.92
N VAL B 10 -10.89 1.15 9.35
CA VAL B 10 -11.54 2.13 10.22
C VAL B 10 -12.48 1.50 11.26
N ILE B 11 -13.13 0.42 10.87
CA ILE B 11 -14.09 -0.20 11.79
C ILE B 11 -13.38 -0.88 12.95
N GLY B 12 -12.33 -1.66 12.66
CA GLY B 12 -11.64 -2.34 13.73
C GLY B 12 -10.91 -1.40 14.67
N LEU B 13 -10.25 -0.40 14.11
CA LEU B 13 -9.52 0.52 14.99
C LEU B 13 -10.42 1.49 15.76
N SER B 14 -11.49 1.96 15.14
CA SER B 14 -12.41 2.85 15.86
C SER B 14 -13.21 2.10 16.93
N THR B 15 -13.58 0.86 16.63
CA THR B 15 -14.25 0.00 17.63
C THR B 15 -13.33 -0.32 18.79
N ALA B 16 -12.09 -0.68 18.48
CA ALA B 16 -11.09 -0.92 19.52
C ALA B 16 -10.88 0.28 20.43
N LEU B 17 -10.82 1.46 19.80
CA LEU B 17 -10.63 2.67 20.60
C LEU B 17 -11.85 3.00 21.45
N CYS B 18 -13.01 2.88 20.83
CA CYS B 18 -14.26 3.16 21.55
C CYS B 18 -14.46 2.26 22.78
N ILE B 19 -14.24 0.97 22.58
CA ILE B 19 -14.30 0.02 23.72
C ILE B 19 -13.27 0.33 24.81
N HIS B 20 -12.05 0.61 24.38
CA HIS B 20 -10.97 0.83 25.35
C HIS B 20 -11.19 2.11 26.15
N GLU B 21 -11.64 3.16 25.46
CA GLU B 21 -11.89 4.41 26.14
C GLU B 21 -13.11 4.27 27.08
N ARG B 22 -14.09 3.41 26.78
CA ARG B 22 -15.24 3.24 27.69
C ARG B 22 -15.06 2.22 28.81
N TYR B 23 -14.21 1.22 28.62
CA TYR B 23 -14.20 0.06 29.51
C TYR B 23 -12.85 -0.35 30.02
N HIS B 24 -11.80 0.39 29.71
CA HIS B 24 -10.52 0.07 30.33
C HIS B 24 -10.23 1.13 31.39
N SER B 25 -9.87 0.67 32.58
CA SER B 25 -9.24 1.53 33.55
C SER B 25 -8.17 0.73 34.23
N VAL B 26 -7.16 1.42 34.76
CA VAL B 26 -6.29 0.84 35.78
C VAL B 26 -7.04 0.12 36.92
N LEU B 27 -8.21 0.62 37.24
CA LEU B 27 -9.06 -0.01 38.27
C LEU B 27 -9.84 -1.23 37.81
N GLN B 28 -10.04 -1.40 36.51
CA GLN B 28 -10.83 -2.52 35.97
C GLN B 28 -10.29 -2.80 34.56
N PRO B 29 -9.11 -3.42 34.43
CA PRO B 29 -8.38 -3.40 33.15
C PRO B 29 -8.94 -4.32 32.08
N LEU B 30 -8.83 -3.89 30.82
CA LEU B 30 -9.03 -4.77 29.68
C LEU B 30 -7.66 -5.10 29.10
N ASP B 31 -7.52 -6.31 28.56
CA ASP B 31 -6.39 -6.60 27.68
C ASP B 31 -7.02 -6.63 26.29
N ILE B 32 -6.70 -5.64 25.45
CA ILE B 32 -7.17 -5.61 24.06
C ILE B 32 -5.96 -5.78 23.16
N LYS B 33 -6.08 -6.72 22.21
CA LYS B 33 -5.10 -6.86 21.14
C LYS B 33 -5.81 -6.68 19.80
N VAL B 34 -5.12 -6.11 18.81
CA VAL B 34 -5.69 -6.07 17.45
C VAL B 34 -4.91 -7.08 16.61
N TYR B 35 -5.64 -7.97 15.94
CA TYR B 35 -5.01 -8.90 14.99
C TYR B 35 -5.44 -8.48 13.61
N ALA B 36 -4.51 -8.29 12.68
CA ALA B 36 -4.94 -7.97 11.33
C ALA B 36 -3.94 -8.49 10.33
N ASP B 37 -4.46 -8.85 9.19
CA ASP B 37 -3.64 -9.29 8.07
C ASP B 37 -3.03 -8.12 7.30
N ARG B 38 -3.78 -7.03 7.18
CA ARG B 38 -3.30 -5.81 6.52
C ARG B 38 -3.44 -4.65 7.46
N PHE B 39 -2.42 -3.81 7.51
CA PHE B 39 -2.51 -2.53 8.20
C PHE B 39 -2.33 -1.41 7.20
N THR B 40 -2.63 -0.19 7.61
CA THR B 40 -2.35 1.01 6.82
C THR B 40 -0.90 1.02 6.30
N PRO B 41 -0.64 1.40 5.05
CA PRO B 41 -1.61 1.91 4.08
C PRO B 41 -2.33 0.89 3.19
N LEU B 42 -2.42 -0.38 3.59
CA LEU B 42 -2.84 -1.41 2.67
C LEU B 42 -4.31 -1.86 2.83
N THR B 43 -5.09 -1.14 3.62
CA THR B 43 -6.48 -1.58 3.86
C THR B 43 -7.40 -0.95 2.82
N THR B 44 -8.67 -1.38 2.80
CA THR B 44 -9.67 -0.66 2.00
C THR B 44 -9.90 0.77 2.48
N THR B 45 -9.86 0.96 3.79
CA THR B 45 -10.03 2.29 4.35
C THR B 45 -9.02 3.31 3.79
N ASP B 46 -7.81 2.85 3.53
CA ASP B 46 -6.79 3.71 2.93
C ASP B 46 -7.11 4.22 1.53
N VAL B 47 -7.98 3.53 0.80
CA VAL B 47 -8.38 3.92 -0.55
C VAL B 47 -9.46 5.01 -0.54
N ALA B 48 -10.16 5.19 0.58
CA ALA B 48 -11.31 6.09 0.58
C ALA B 48 -10.90 7.55 0.74
N ALA B 49 -11.51 8.43 -0.05
CA ALA B 49 -11.30 9.88 0.13
C ALA B 49 -11.84 10.38 1.45
N GLY B 50 -12.98 9.83 1.84
CA GLY B 50 -13.45 10.08 3.19
C GLY B 50 -14.47 11.17 3.27
N LEU B 51 -15.17 11.40 2.19
CA LEU B 51 -16.26 12.37 2.22
C LEU B 51 -17.41 11.79 3.04
N TRP B 52 -17.91 12.59 3.98
CA TRP B 52 -19.11 12.16 4.71
C TRP B 52 -20.29 12.27 3.77
N GLN B 53 -20.86 11.14 3.38
CA GLN B 53 -22.05 11.16 2.54
C GLN B 53 -22.64 9.76 2.53
N PRO B 54 -23.80 9.51 3.15
CA PRO B 54 -24.48 8.23 3.03
C PRO B 54 -25.06 8.03 1.64
N TYR B 55 -25.60 6.82 1.40
CA TYR B 55 -26.33 6.55 0.17
C TYR B 55 -27.53 7.50 0.01
N LEU B 56 -27.98 7.64 -1.23
CA LEU B 56 -29.07 8.58 -1.51
C LEU B 56 -30.41 8.13 -0.90
N SER B 57 -30.61 6.82 -0.92
CA SER B 57 -31.83 6.20 -0.43
C SER B 57 -31.73 5.90 1.07
N ASP B 58 -32.88 5.84 1.74
CA ASP B 58 -32.91 5.49 3.16
C ASP B 58 -32.40 4.08 3.44
N PRO B 59 -31.74 3.84 4.58
CA PRO B 59 -31.15 2.54 4.89
C PRO B 59 -32.17 1.50 5.32
N ASN B 60 -31.82 0.23 5.11
CA ASN B 60 -32.69 -0.90 5.44
C ASN B 60 -32.94 -0.99 6.94
N ASN B 61 -31.87 -0.86 7.70
CA ASN B 61 -31.99 -0.65 9.12
C ASN B 61 -32.00 0.87 9.33
N PRO B 62 -33.05 1.47 9.89
CA PRO B 62 -33.09 2.90 10.16
C PRO B 62 -32.19 3.38 11.28
N GLN B 63 -31.64 2.47 12.09
CA GLN B 63 -30.56 2.83 13.00
C GLN B 63 -29.34 3.43 12.32
N GLU B 64 -29.15 3.07 11.05
CA GLU B 64 -27.96 3.54 10.35
C GLU B 64 -28.00 5.03 10.07
N ALA B 65 -29.20 5.58 9.92
CA ALA B 65 -29.34 7.02 9.82
C ALA B 65 -28.91 7.73 11.11
N ASP B 66 -29.24 7.14 12.25
CA ASP B 66 -28.73 7.64 13.53
C ASP B 66 -27.22 7.49 13.66
N TRP B 67 -26.69 6.34 13.29
CA TRP B 67 -25.23 6.14 13.39
C TRP B 67 -24.43 7.12 12.52
N SER B 68 -24.98 7.40 11.34
CA SER B 68 -24.36 8.37 10.42
C SER B 68 -24.41 9.80 10.97
N GLN B 69 -25.57 10.21 11.46
CA GLN B 69 -25.69 11.48 12.17
C GLN B 69 -24.76 11.65 13.37
N GLN B 70 -24.68 10.61 14.19
CA GLN B 70 -23.78 10.62 15.35
C GLN B 70 -22.31 10.77 14.95
N THR B 71 -21.94 10.13 13.85
CA THR B 71 -20.58 10.28 13.31
C THR B 71 -20.33 11.72 12.85
N PHE B 72 -21.29 12.29 12.12
CA PHE B 72 -21.16 13.66 11.65
C PHE B 72 -20.97 14.67 12.78
N ASP B 73 -21.82 14.57 13.78
CA ASP B 73 -21.75 15.49 14.92
C ASP B 73 -20.48 15.32 15.72
N TYR B 74 -20.05 14.06 15.88
CA TYR B 74 -18.76 13.75 16.48
C TYR B 74 -17.61 14.37 15.72
N LEU B 75 -17.60 14.19 14.41
CA LEU B 75 -16.49 14.75 13.63
C LEU B 75 -16.55 16.27 13.57
N LEU B 76 -17.74 16.83 13.38
CA LEU B 76 -17.97 18.27 13.36
C LEU B 76 -17.52 18.95 14.65
N SER B 77 -17.72 18.27 15.79
CA SER B 77 -17.22 18.76 17.06
C SER B 77 -15.71 18.90 17.17
N HIS B 78 -14.96 18.18 16.33
CA HIS B 78 -13.50 18.22 16.34
C HIS B 78 -12.91 19.11 15.26
N VAL B 79 -13.71 19.72 14.37
CA VAL B 79 -13.16 20.40 13.18
C VAL B 79 -12.29 21.62 13.43
N HIS B 80 -12.59 22.36 14.50
CA HIS B 80 -11.77 23.53 14.84
C HIS B 80 -10.87 23.23 16.04
N SER B 81 -10.61 21.96 16.31
CA SER B 81 -9.53 21.59 17.20
C SER B 81 -8.24 21.56 16.34
N PRO B 82 -7.06 21.92 16.86
CA PRO B 82 -5.86 22.00 16.03
C PRO B 82 -5.37 20.66 15.48
N ASN B 83 -5.62 19.61 16.26
CA ASN B 83 -5.47 18.22 15.82
C ASN B 83 -6.44 17.73 14.76
N ALA B 84 -7.35 18.59 14.26
CA ALA B 84 -8.13 18.26 13.06
C ALA B 84 -7.23 17.93 11.87
N GLU B 85 -6.14 18.68 11.77
CA GLU B 85 -5.10 18.40 10.78
C GLU B 85 -4.45 17.01 10.93
N ASN B 86 -4.38 16.52 12.17
CA ASN B 86 -3.89 15.17 12.44
C ASN B 86 -4.90 14.08 12.13
N LEU B 87 -6.20 14.39 12.24
CA LEU B 87 -7.21 13.44 11.77
C LEU B 87 -7.35 13.46 10.25
N GLY B 88 -6.97 14.60 9.65
CA GLY B 88 -7.19 14.78 8.22
C GLY B 88 -8.60 15.25 7.98
N LEU B 89 -9.04 16.18 8.83
CA LEU B 89 -10.47 16.43 9.00
C LEU B 89 -10.76 17.89 8.71
N PHE B 90 -11.62 18.19 7.73
CA PHE B 90 -11.90 19.57 7.35
C PHE B 90 -13.27 19.68 6.70
N LEU B 91 -13.82 20.88 6.69
CA LEU B 91 -15.10 21.13 6.02
C LEU B 91 -14.92 21.39 4.52
N ILE B 92 -15.89 20.94 3.74
CA ILE B 92 -15.81 21.14 2.29
C ILE B 92 -17.23 21.21 1.76
N SER B 93 -17.43 22.04 0.75
CA SER B 93 -18.75 22.14 0.11
C SER B 93 -18.69 21.59 -1.31
N GLY B 94 -19.85 21.32 -1.89
CA GLY B 94 -19.83 20.78 -3.25
C GLY B 94 -21.18 20.33 -3.76
N TYR B 95 -21.10 19.71 -4.93
CA TYR B 95 -22.25 19.50 -5.80
C TYR B 95 -22.58 18.04 -5.88
N ASN B 96 -23.88 17.74 -5.95
CA ASN B 96 -24.36 16.41 -6.33
C ASN B 96 -25.22 16.60 -7.56
N LEU B 97 -24.87 15.95 -8.67
CA LEU B 97 -25.51 16.27 -9.96
C LEU B 97 -26.27 15.08 -10.50
N PHE B 98 -27.44 15.36 -11.06
CA PHE B 98 -28.37 14.33 -11.51
C PHE B 98 -28.91 14.76 -12.85
N HIS B 99 -29.31 13.78 -13.66
CA HIS B 99 -29.89 14.14 -14.95
C HIS B 99 -31.30 14.73 -14.80
N GLU B 100 -32.01 14.27 -13.79
CA GLU B 100 -33.41 14.62 -13.56
C GLU B 100 -33.69 14.77 -12.08
N ALA B 101 -34.80 15.41 -11.75
CA ALA B 101 -35.18 15.62 -10.36
C ALA B 101 -35.42 14.34 -9.60
N ILE B 102 -35.06 14.38 -8.33
CA ILE B 102 -34.95 13.21 -7.46
C ILE B 102 -35.38 13.70 -6.07
N PRO B 103 -35.93 12.85 -5.18
CA PRO B 103 -36.21 13.27 -3.80
C PRO B 103 -34.96 13.66 -3.01
N ASP B 104 -35.15 14.59 -2.07
CA ASP B 104 -34.07 14.94 -1.14
C ASP B 104 -33.61 13.75 -0.30
N PRO B 105 -32.36 13.73 0.17
CA PRO B 105 -31.90 12.64 1.02
C PRO B 105 -32.37 12.92 2.45
N SER B 106 -32.49 11.87 3.22
CA SER B 106 -32.83 12.02 4.64
C SER B 106 -31.73 12.67 5.46
N TRP B 107 -30.50 12.57 4.98
CA TRP B 107 -29.37 13.23 5.63
C TRP B 107 -29.26 14.72 5.31
N LYS B 108 -30.24 15.29 4.60
CA LYS B 108 -30.19 16.72 4.26
C LYS B 108 -30.11 17.66 5.45
N ASP B 109 -30.62 17.23 6.60
CA ASP B 109 -30.57 18.05 7.80
C ASP B 109 -29.37 17.71 8.70
N THR B 110 -28.61 16.69 8.32
CA THR B 110 -27.37 16.38 9.04
C THR B 110 -26.25 17.30 8.53
N VAL B 111 -26.15 17.45 7.20
CA VAL B 111 -25.11 18.30 6.62
C VAL B 111 -25.42 19.78 6.85
N LEU B 112 -24.51 20.65 6.45
CA LEU B 112 -24.72 22.07 6.66
C LEU B 112 -25.17 22.73 5.37
N GLY B 113 -26.22 23.54 5.49
CA GLY B 113 -26.61 24.40 4.40
C GLY B 113 -27.09 23.70 3.13
N PHE B 114 -27.79 22.59 3.26
CA PHE B 114 -28.28 21.86 2.09
C PHE B 114 -29.28 22.67 1.27
N ARG B 115 -29.15 22.62 -0.04
CA ARG B 115 -30.10 23.28 -0.94
C ARG B 115 -30.08 22.64 -2.30
N LYS B 116 -31.07 22.99 -3.11
CA LYS B 116 -31.05 22.67 -4.54
C LYS B 116 -30.13 23.64 -5.26
N LEU B 117 -29.60 23.20 -6.40
CA LEU B 117 -28.82 24.10 -7.25
C LEU B 117 -29.72 25.01 -8.05
N THR B 118 -29.22 26.23 -8.25
CA THR B 118 -29.90 27.23 -9.07
C THR B 118 -29.71 26.96 -10.56
N PRO B 119 -30.54 27.53 -11.45
CA PRO B 119 -30.33 27.47 -12.89
C PRO B 119 -28.94 27.89 -13.38
N ARG B 120 -28.40 28.97 -12.83
CA ARG B 120 -27.07 29.41 -13.24
C ARG B 120 -25.95 28.47 -12.76
N GLU B 121 -26.13 27.88 -11.60
CA GLU B 121 -25.18 26.82 -11.20
C GLU B 121 -25.24 25.61 -12.11
N LEU B 122 -26.46 25.17 -12.43
CA LEU B 122 -26.61 24.04 -13.35
C LEU B 122 -26.12 24.28 -14.76
N ASP B 123 -26.11 25.53 -15.22
CA ASP B 123 -25.47 25.85 -16.51
C ASP B 123 -23.96 25.60 -16.54
N MET B 124 -23.31 25.47 -15.39
CA MET B 124 -21.91 25.08 -15.37
C MET B 124 -21.68 23.60 -15.68
N PHE B 125 -22.75 22.80 -15.68
CA PHE B 125 -22.64 21.35 -15.83
C PHE B 125 -23.56 20.92 -16.96
N PRO B 126 -23.19 21.03 -18.25
CA PRO B 126 -24.10 20.74 -19.35
C PRO B 126 -24.67 19.31 -19.49
N ASP B 127 -24.12 18.33 -18.77
CA ASP B 127 -24.71 16.99 -18.80
C ASP B 127 -25.83 16.76 -17.78
N TYR B 128 -26.11 17.73 -16.91
CA TYR B 128 -26.92 17.45 -15.71
C TYR B 128 -27.98 18.52 -15.57
N GLY B 129 -29.20 18.12 -15.21
CA GLY B 129 -30.29 19.08 -15.16
C GLY B 129 -30.82 19.37 -13.77
N TYR B 130 -30.26 18.73 -12.76
CA TYR B 130 -30.76 18.88 -11.41
C TYR B 130 -29.65 18.60 -10.42
N GLY B 131 -29.70 19.23 -9.27
CA GLY B 131 -28.80 18.78 -8.23
C GLY B 131 -28.84 19.54 -6.95
N TRP B 132 -27.87 19.22 -6.11
CA TRP B 132 -27.79 19.76 -4.75
C TRP B 132 -26.47 20.49 -4.55
N PHE B 133 -26.49 21.38 -3.57
CA PHE B 133 -25.27 21.95 -3.00
C PHE B 133 -25.34 21.79 -1.49
N HIS B 134 -24.23 21.44 -0.85
CA HIS B 134 -24.22 21.44 0.62
C HIS B 134 -22.79 21.49 1.12
N THR B 135 -22.64 21.62 2.43
CA THR B 135 -21.34 21.60 3.10
C THR B 135 -21.27 20.34 3.96
N SER B 136 -20.20 19.57 3.79
CA SER B 136 -19.97 18.35 4.54
C SER B 136 -18.54 18.37 5.07
N LEU B 137 -18.06 17.19 5.45
CA LEU B 137 -16.74 17.00 6.04
C LEU B 137 -16.00 15.96 5.24
N ILE B 138 -14.67 16.09 5.20
CA ILE B 138 -13.81 15.01 4.73
C ILE B 138 -13.01 14.51 5.90
N LEU B 139 -12.95 13.19 6.05
CA LEU B 139 -12.09 12.55 7.04
C LEU B 139 -11.24 11.58 6.26
N GLU B 140 -10.05 11.99 5.88
CA GLU B 140 -9.20 11.15 5.04
C GLU B 140 -8.85 9.79 5.66
N GLY B 141 -9.09 8.71 4.94
CA GLY B 141 -9.06 7.41 5.60
C GLY B 141 -7.68 6.96 6.07
N LYS B 142 -6.68 7.20 5.23
CA LYS B 142 -5.31 6.86 5.64
C LYS B 142 -4.83 7.67 6.84
N ASN B 143 -5.06 8.97 6.80
CA ASN B 143 -4.62 9.81 7.91
C ASN B 143 -5.35 9.49 9.21
N TYR B 144 -6.63 9.13 9.06
CA TYR B 144 -7.40 8.78 10.25
C TYR B 144 -6.96 7.45 10.84
N LEU B 145 -6.60 6.46 10.02
CA LEU B 145 -6.03 5.23 10.52
C LEU B 145 -4.70 5.44 11.24
N GLN B 146 -3.88 6.34 10.72
CA GLN B 146 -2.64 6.73 11.45
C GLN B 146 -2.92 7.33 12.83
N TRP B 147 -3.94 8.20 12.86
CA TRP B 147 -4.31 8.85 14.12
C TRP B 147 -4.87 7.87 15.15
N LEU B 148 -5.76 6.99 14.69
CA LEU B 148 -6.28 5.91 15.56
C LEU B 148 -5.21 4.97 16.08
N THR B 149 -4.25 4.67 15.22
CA THR B 149 -3.14 3.80 15.63
C THR B 149 -2.30 4.44 16.71
N GLU B 150 -2.07 5.74 16.56
CA GLU B 150 -1.33 6.50 17.57
C GLU B 150 -2.07 6.53 18.90
N ARG B 151 -3.38 6.77 18.85
CA ARG B 151 -4.20 6.78 20.06
C ARG B 151 -4.23 5.44 20.76
N LEU B 152 -4.36 4.37 19.97
CA LEU B 152 -4.40 3.01 20.51
C LEU B 152 -3.01 2.62 21.08
N THR B 153 -1.96 3.01 20.37
CA THR B 153 -0.60 2.72 20.84
C THR B 153 -0.29 3.43 22.16
N GLU B 154 -0.70 4.69 22.27
CA GLU B 154 -0.56 5.45 23.51
C GLU B 154 -1.32 4.85 24.69
N ARG B 155 -2.42 4.15 24.39
CA ARG B 155 -3.19 3.44 25.42
C ARG B 155 -2.72 2.02 25.71
N GLY B 156 -1.70 1.55 25.00
CA GLY B 156 -1.17 0.24 25.33
C GLY B 156 -1.84 -0.92 24.62
N VAL B 157 -2.65 -0.63 23.61
CA VAL B 157 -3.26 -1.71 22.83
C VAL B 157 -2.19 -2.25 21.88
N LYS B 158 -1.96 -3.56 21.88
CA LYS B 158 -0.89 -4.13 21.05
C LYS B 158 -1.47 -4.69 19.78
N PHE B 159 -0.69 -4.58 18.70
CA PHE B 159 -1.13 -4.96 17.37
C PHE B 159 -0.25 -6.11 16.90
N PHE B 160 -0.82 -7.03 16.15
CA PHE B 160 -0.09 -8.20 15.65
C PHE B 160 -0.53 -8.46 14.23
N GLN B 161 0.45 -8.73 13.37
CA GLN B 161 0.11 -9.02 11.99
C GLN B 161 -0.05 -10.51 11.83
N ARG B 162 -1.29 -10.92 11.58
CA ARG B 162 -1.61 -12.32 11.37
C ARG B 162 -2.92 -12.46 10.62
N LYS B 163 -3.02 -13.54 9.85
CA LYS B 163 -4.29 -13.88 9.24
C LYS B 163 -4.95 -14.89 10.15
N VAL B 164 -6.12 -14.53 10.67
CA VAL B 164 -6.89 -15.47 11.47
C VAL B 164 -7.63 -16.42 10.52
N GLU B 165 -7.57 -17.72 10.82
CA GLU B 165 -8.26 -18.71 9.98
C GLU B 165 -9.62 -19.08 10.56
N SER B 166 -9.81 -18.94 11.88
CA SER B 166 -11.09 -19.24 12.49
C SER B 166 -11.28 -18.44 13.77
N PHE B 167 -12.53 -18.28 14.16
CA PHE B 167 -12.78 -17.73 15.49
C PHE B 167 -12.34 -18.68 16.60
N GLU B 168 -12.46 -19.98 16.32
CA GLU B 168 -12.07 -21.01 17.27
C GLU B 168 -10.59 -20.97 17.62
N GLU B 169 -9.76 -20.73 16.60
CA GLU B 169 -8.34 -20.47 16.79
C GLU B 169 -8.01 -19.41 17.84
N VAL B 170 -8.72 -18.28 17.74
CA VAL B 170 -8.50 -17.17 18.66
C VAL B 170 -9.13 -17.44 20.03
N ALA B 171 -10.30 -18.07 20.04
CA ALA B 171 -10.97 -18.47 21.27
C ALA B 171 -10.11 -19.40 22.13
N ARG B 172 -9.50 -20.38 21.47
CA ARG B 172 -8.61 -21.31 22.16
C ARG B 172 -7.31 -20.71 22.66
N GLU B 173 -6.93 -19.54 22.14
CA GLU B 173 -5.83 -18.80 22.74
C GLU B 173 -6.23 -18.05 24.01
N GLY B 174 -7.53 -17.99 24.29
CA GLY B 174 -8.01 -17.44 25.53
C GLY B 174 -8.76 -16.14 25.40
N ALA B 175 -9.24 -15.81 24.20
CA ALA B 175 -10.07 -14.61 24.05
C ALA B 175 -11.45 -14.85 24.65
N ASP B 176 -11.84 -13.92 25.50
CA ASP B 176 -13.20 -13.87 26.02
C ASP B 176 -14.17 -13.20 25.05
N VAL B 177 -13.71 -12.16 24.36
CA VAL B 177 -14.54 -11.48 23.38
C VAL B 177 -13.71 -11.31 22.10
N ILE B 178 -14.34 -11.60 20.97
CA ILE B 178 -13.72 -11.34 19.67
C ILE B 178 -14.58 -10.28 18.99
N VAL B 179 -13.96 -9.22 18.51
CA VAL B 179 -14.75 -8.23 17.77
C VAL B 179 -14.35 -8.40 16.31
N ASN B 180 -15.31 -8.84 15.50
CA ASN B 180 -15.05 -9.19 14.10
C ASN B 180 -15.27 -7.98 13.19
N CYS B 181 -14.15 -7.33 12.84
CA CYS B 181 -14.19 -6.15 11.96
C CYS B 181 -13.37 -6.39 10.69
N THR B 182 -13.75 -7.45 10.01
CA THR B 182 -12.98 -7.95 8.88
C THR B 182 -13.45 -7.49 7.51
N GLY B 183 -14.31 -6.47 7.48
CA GLY B 183 -14.75 -5.86 6.24
C GLY B 183 -15.28 -6.83 5.21
N VAL B 184 -14.81 -6.69 3.97
CA VAL B 184 -15.33 -7.55 2.90
C VAL B 184 -14.91 -9.03 3.01
N TRP B 185 -13.90 -9.31 3.85
CA TRP B 185 -13.40 -10.68 4.00
C TRP B 185 -14.06 -11.47 5.11
N ALA B 186 -15.09 -10.89 5.76
CA ALA B 186 -15.76 -11.57 6.89
C ALA B 186 -16.28 -12.97 6.59
N GLY B 187 -16.73 -13.16 5.35
CA GLY B 187 -17.19 -14.47 4.92
C GLY B 187 -16.22 -15.62 5.01
N ALA B 188 -14.93 -15.34 5.07
CA ALA B 188 -13.96 -16.42 5.27
C ALA B 188 -13.96 -16.97 6.70
N LEU B 189 -14.39 -16.16 7.66
CA LEU B 189 -14.46 -16.65 9.04
C LEU B 189 -15.84 -17.22 9.36
N GLN B 190 -16.85 -16.80 8.64
CA GLN B 190 -18.19 -17.36 8.78
C GLN B 190 -18.95 -16.96 7.54
N ARG B 191 -19.43 -17.95 6.79
CA ARG B 191 -20.13 -17.71 5.54
C ARG B 191 -21.25 -16.68 5.68
N ASP B 192 -21.22 -15.68 4.82
CA ASP B 192 -22.25 -14.65 4.82
C ASP B 192 -22.51 -14.30 3.37
N PRO B 193 -23.52 -14.90 2.74
CA PRO B 193 -23.77 -14.65 1.33
C PRO B 193 -24.34 -13.27 1.02
N LEU B 194 -24.72 -12.52 2.05
CA LEU B 194 -25.15 -11.16 1.85
C LEU B 194 -23.98 -10.19 1.64
N LEU B 195 -22.77 -10.60 2.01
CA LEU B 195 -21.61 -9.71 1.89
C LEU B 195 -20.88 -9.96 0.56
N GLN B 196 -20.67 -8.90 -0.22
CA GLN B 196 -20.06 -8.98 -1.53
C GLN B 196 -19.01 -7.88 -1.70
N PRO B 197 -17.98 -8.06 -2.53
CA PRO B 197 -17.10 -6.94 -2.84
C PRO B 197 -17.71 -6.01 -3.87
N GLY B 198 -17.67 -4.72 -3.59
CA GLY B 198 -17.99 -3.75 -4.63
C GLY B 198 -16.70 -3.08 -4.99
N ARG B 199 -16.06 -3.59 -6.04
CA ARG B 199 -14.72 -3.14 -6.37
C ARG B 199 -14.75 -1.70 -6.84
N GLY B 200 -13.86 -0.88 -6.29
CA GLY B 200 -13.67 0.45 -6.83
C GLY B 200 -12.22 0.69 -7.19
N GLN B 201 -12.02 1.68 -8.03
CA GLN B 201 -10.71 2.16 -8.46
C GLN B 201 -10.74 3.68 -8.36
N ILE B 202 -9.65 4.29 -7.90
CA ILE B 202 -9.50 5.74 -7.86
C ILE B 202 -8.16 6.15 -8.44
N MET B 203 -8.01 7.45 -8.67
CA MET B 203 -6.77 8.07 -9.09
C MET B 203 -6.55 9.30 -8.21
N LYS B 204 -5.34 9.55 -7.74
CA LYS B 204 -5.05 10.79 -7.02
C LYS B 204 -4.26 11.72 -7.93
N VAL B 205 -4.66 12.98 -7.97
CA VAL B 205 -4.13 13.97 -8.92
C VAL B 205 -3.76 15.24 -8.15
N ASP B 206 -2.78 15.99 -8.64
CA ASP B 206 -2.43 17.28 -8.00
C ASP B 206 -3.23 18.36 -8.71
N ALA B 207 -4.25 18.86 -8.02
CA ALA B 207 -5.14 19.86 -8.62
C ALA B 207 -5.59 20.82 -7.53
N PRO B 208 -4.68 21.60 -6.95
CA PRO B 208 -4.97 22.30 -5.70
C PRO B 208 -5.90 23.51 -5.83
N TRP B 209 -6.19 23.91 -7.06
CA TRP B 209 -7.23 24.89 -7.33
C TRP B 209 -8.64 24.34 -7.16
N MET B 210 -8.82 23.03 -6.98
CA MET B 210 -10.20 22.49 -6.88
C MET B 210 -10.65 22.58 -5.42
N LYS B 211 -11.67 23.42 -5.18
CA LYS B 211 -12.07 23.70 -3.79
C LYS B 211 -13.40 23.04 -3.42
N HIS B 212 -14.06 22.39 -4.38
CA HIS B 212 -15.34 21.73 -4.12
C HIS B 212 -15.27 20.28 -4.51
N PHE B 213 -16.08 19.46 -3.85
CA PHE B 213 -16.35 18.13 -4.39
C PHE B 213 -17.42 18.21 -5.48
N ILE B 214 -17.37 17.26 -6.40
CA ILE B 214 -18.39 17.17 -7.45
C ILE B 214 -18.73 15.70 -7.57
N LEU B 215 -19.94 15.30 -7.20
CA LEU B 215 -20.37 13.91 -7.39
C LEU B 215 -21.47 13.86 -8.43
N THR B 216 -21.39 12.91 -9.35
CA THR B 216 -22.42 12.76 -10.39
C THR B 216 -23.16 11.45 -10.18
N HIS B 217 -24.39 11.40 -10.66
CA HIS B 217 -25.23 10.23 -10.47
C HIS B 217 -25.95 9.90 -11.75
N ASP B 218 -25.93 8.62 -12.09
CA ASP B 218 -26.54 8.14 -13.32
C ASP B 218 -27.13 6.78 -13.00
N PRO B 219 -28.46 6.60 -13.06
CA PRO B 219 -29.08 5.32 -12.70
C PRO B 219 -28.74 4.15 -13.60
N GLU B 220 -28.41 4.44 -14.86
CA GLU B 220 -28.01 3.40 -15.80
C GLU B 220 -26.56 2.94 -15.59
N ARG B 221 -25.76 3.79 -14.98
CA ARG B 221 -24.42 3.41 -14.60
C ARG B 221 -24.43 2.66 -13.27
N GLY B 222 -25.22 3.17 -12.33
CA GLY B 222 -25.23 2.63 -10.99
C GLY B 222 -24.50 3.56 -10.04
N ILE B 223 -24.87 3.50 -8.77
CA ILE B 223 -24.23 4.29 -7.71
C ILE B 223 -22.74 4.03 -7.63
N TYR B 224 -21.97 5.12 -7.59
CA TYR B 224 -20.51 5.06 -7.54
C TYR B 224 -19.85 4.80 -8.85
N ASN B 225 -20.64 4.54 -9.87
CA ASN B 225 -20.13 4.15 -11.15
C ASN B 225 -20.30 5.31 -12.13
N SER B 226 -20.28 6.52 -11.59
CA SER B 226 -20.38 7.76 -12.33
C SER B 226 -19.26 8.67 -11.82
N PRO B 227 -18.71 9.62 -12.59
CA PRO B 227 -17.57 10.41 -12.15
C PRO B 227 -17.75 11.16 -10.85
N TYR B 228 -16.69 11.17 -10.05
CA TYR B 228 -16.68 12.03 -8.86
C TYR B 228 -15.30 12.59 -8.65
N ILE B 229 -15.26 13.76 -8.04
CA ILE B 229 -14.04 14.51 -7.83
C ILE B 229 -14.07 14.98 -6.39
N ILE B 230 -13.08 14.60 -5.59
CA ILE B 230 -13.14 14.94 -4.15
C ILE B 230 -11.78 15.49 -3.73
N PRO B 231 -11.63 16.79 -3.52
CA PRO B 231 -10.39 17.36 -3.02
C PRO B 231 -10.07 16.84 -1.63
N GLY B 232 -8.83 16.43 -1.41
CA GLY B 232 -8.36 16.13 -0.08
C GLY B 232 -7.45 17.28 0.37
N THR B 233 -6.70 17.04 1.44
CA THR B 233 -5.77 18.05 1.96
C THR B 233 -4.70 18.50 0.95
N GLN B 234 -4.13 17.54 0.23
CA GLN B 234 -2.96 17.80 -0.61
C GLN B 234 -3.19 17.43 -2.08
N THR B 235 -4.05 16.46 -2.32
CA THR B 235 -4.29 15.90 -3.64
C THR B 235 -5.80 15.80 -3.82
N VAL B 236 -6.24 15.49 -5.03
CA VAL B 236 -7.66 15.38 -5.33
C VAL B 236 -7.91 13.95 -5.78
N THR B 237 -9.00 13.38 -5.30
CA THR B 237 -9.33 12.00 -5.67
C THR B 237 -10.28 12.07 -6.85
N LEU B 238 -9.96 11.31 -7.91
CA LEU B 238 -10.87 11.13 -9.03
C LEU B 238 -11.37 9.68 -8.98
N GLY B 239 -12.67 9.51 -9.11
CA GLY B 239 -13.21 8.18 -9.01
C GLY B 239 -14.44 8.01 -9.84
N GLY B 240 -15.08 6.86 -9.60
CA GLY B 240 -16.32 6.53 -10.27
C GLY B 240 -16.39 5.11 -10.82
N ILE B 241 -15.93 4.12 -10.06
CA ILE B 241 -16.02 2.72 -10.50
C ILE B 241 -16.68 1.88 -9.39
N PHE B 242 -17.65 1.05 -9.78
CA PHE B 242 -18.30 0.09 -8.88
C PHE B 242 -18.54 -1.16 -9.65
N GLN B 243 -17.94 -2.25 -9.21
CA GLN B 243 -18.12 -3.52 -9.91
C GLN B 243 -18.37 -4.59 -8.87
N LEU B 244 -19.63 -4.98 -8.79
CA LEU B 244 -20.04 -5.94 -7.75
C LEU B 244 -19.51 -7.33 -8.07
N GLY B 245 -18.85 -7.95 -7.10
CA GLY B 245 -18.42 -9.34 -7.24
C GLY B 245 -17.02 -9.50 -7.82
N ASN B 246 -16.35 -8.40 -8.14
CA ASN B 246 -15.02 -8.46 -8.76
C ASN B 246 -13.98 -8.33 -7.64
N TRP B 247 -13.08 -9.30 -7.57
CA TRP B 247 -12.07 -9.41 -6.55
C TRP B 247 -10.66 -9.07 -7.05
N SER B 248 -10.53 -8.44 -8.20
CA SER B 248 -9.19 -8.20 -8.75
C SER B 248 -8.54 -6.96 -8.13
N GLU B 249 -7.52 -7.16 -7.31
CA GLU B 249 -6.86 -6.02 -6.64
C GLU B 249 -5.72 -5.53 -7.52
N LEU B 250 -6.11 -4.96 -8.63
CA LEU B 250 -5.19 -4.55 -9.70
C LEU B 250 -5.80 -3.36 -10.36
N ASN B 251 -5.06 -2.26 -10.41
CA ASN B 251 -5.52 -1.09 -11.15
C ASN B 251 -5.51 -1.41 -12.64
N ASN B 252 -6.65 -1.26 -13.29
CA ASN B 252 -6.70 -1.59 -14.71
C ASN B 252 -6.88 -0.36 -15.56
N ILE B 253 -6.33 -0.47 -16.76
CA ILE B 253 -6.25 0.64 -17.68
C ILE B 253 -7.61 1.06 -18.21
N GLN B 254 -8.54 0.13 -18.43
CA GLN B 254 -9.85 0.56 -18.88
C GLN B 254 -10.57 1.44 -17.84
N ASP B 255 -10.52 1.02 -16.58
CA ASP B 255 -11.13 1.82 -15.51
C ASP B 255 -10.38 3.13 -15.26
N HIS B 256 -9.06 3.11 -15.41
CA HIS B 256 -8.24 4.33 -15.39
C HIS B 256 -8.72 5.34 -16.42
N ASN B 257 -8.89 4.87 -17.65
CA ASN B 257 -9.38 5.74 -18.70
C ASN B 257 -10.81 6.21 -18.49
N THR B 258 -11.65 5.34 -17.95
CA THR B 258 -13.03 5.73 -17.61
C THR B 258 -13.05 6.85 -16.57
N ILE B 259 -12.20 6.71 -15.57
CA ILE B 259 -12.10 7.71 -14.52
C ILE B 259 -11.60 9.03 -15.08
N TRP B 260 -10.49 8.93 -15.81
CA TRP B 260 -9.83 10.12 -16.34
C TRP B 260 -10.73 10.92 -17.26
N GLU B 261 -11.28 10.21 -18.23
CA GLU B 261 -12.09 10.85 -19.26
C GLU B 261 -13.39 11.38 -18.71
N GLY B 262 -13.96 10.66 -17.75
CA GLY B 262 -15.20 11.13 -17.14
C GLY B 262 -14.99 12.36 -16.25
N CYS B 263 -13.94 12.34 -15.46
CA CYS B 263 -13.69 13.49 -14.60
C CYS B 263 -13.15 14.71 -15.36
N CYS B 264 -12.38 14.49 -16.42
CA CYS B 264 -12.00 15.63 -17.29
C CYS B 264 -13.14 16.23 -18.10
N ARG B 265 -14.12 15.42 -18.49
CA ARG B 265 -15.34 15.95 -19.08
C ARG B 265 -16.14 16.81 -18.11
N LEU B 266 -16.21 16.35 -16.85
CA LEU B 266 -16.90 17.04 -15.78
C LEU B 266 -16.22 18.35 -15.41
N GLU B 267 -14.89 18.29 -15.38
CA GLU B 267 -14.06 19.40 -14.96
C GLU B 267 -12.83 19.53 -15.86
N PRO B 268 -12.92 20.23 -16.99
CA PRO B 268 -11.81 20.31 -17.97
C PRO B 268 -10.44 20.77 -17.51
N THR B 269 -10.38 21.51 -16.42
CA THR B 269 -9.08 21.89 -15.86
C THR B 269 -8.23 20.72 -15.37
N LEU B 270 -8.87 19.57 -15.11
CA LEU B 270 -8.13 18.38 -14.72
C LEU B 270 -7.23 17.84 -15.83
N LYS B 271 -7.45 18.28 -17.08
CA LYS B 271 -6.59 17.87 -18.18
C LYS B 271 -5.10 18.20 -17.95
N ASN B 272 -4.86 19.20 -17.12
CA ASN B 272 -3.50 19.63 -16.80
C ASN B 272 -3.08 19.22 -15.38
N ALA B 273 -3.83 18.34 -14.73
CA ALA B 273 -3.45 17.91 -13.39
C ALA B 273 -2.48 16.71 -13.49
N ARG B 274 -1.45 16.73 -12.65
CA ARG B 274 -0.48 15.64 -12.60
C ARG B 274 -1.02 14.43 -11.84
N ILE B 275 -1.01 13.26 -12.46
CA ILE B 275 -1.50 12.05 -11.78
C ILE B 275 -0.42 11.51 -10.85
N ILE B 276 -0.79 11.36 -9.59
CA ILE B 276 0.15 10.95 -8.56
C ILE B 276 0.12 9.43 -8.36
N GLY B 277 -1.06 8.84 -8.41
CA GLY B 277 -1.12 7.41 -8.11
C GLY B 277 -2.52 6.87 -8.22
N GLU B 278 -2.64 5.56 -8.08
CA GLU B 278 -3.90 4.85 -8.33
C GLU B 278 -4.06 3.76 -7.30
N ARG B 279 -5.31 3.47 -6.92
CA ARG B 279 -5.55 2.41 -5.93
C ARG B 279 -6.85 1.71 -6.28
N THR B 280 -6.91 0.46 -5.88
CA THR B 280 -8.13 -0.34 -5.99
C THR B 280 -8.53 -0.76 -4.59
N GLY B 281 -9.83 -0.78 -4.30
CA GLY B 281 -10.29 -1.38 -3.03
C GLY B 281 -11.63 -2.09 -3.16
N PHE B 282 -12.02 -2.82 -2.11
CA PHE B 282 -13.25 -3.61 -2.16
C PHE B 282 -14.22 -3.12 -1.12
N ARG B 283 -15.26 -2.42 -1.55
CA ARG B 283 -16.27 -1.97 -0.60
C ARG B 283 -17.00 -3.21 0.00
N PRO B 284 -17.20 -3.30 1.31
CA PRO B 284 -17.89 -4.43 1.92
C PRO B 284 -19.40 -4.31 1.81
N VAL B 285 -19.94 -4.61 0.64
CA VAL B 285 -21.34 -4.33 0.34
C VAL B 285 -22.19 -5.37 1.02
N ARG B 286 -23.24 -4.89 1.69
CA ARG B 286 -24.18 -5.75 2.40
C ARG B 286 -25.51 -4.99 2.44
N PRO B 287 -26.71 -5.62 2.37
CA PRO B 287 -27.98 -4.87 2.44
C PRO B 287 -28.17 -4.01 3.70
N GLN B 288 -27.50 -4.43 4.77
CA GLN B 288 -27.35 -3.61 5.96
C GLN B 288 -26.08 -4.01 6.66
N ILE B 289 -25.55 -3.16 7.52
CA ILE B 289 -24.43 -3.51 8.38
C ILE B 289 -24.79 -4.70 9.29
N ARG B 290 -23.86 -5.62 9.45
CA ARG B 290 -24.04 -6.62 10.47
C ARG B 290 -23.37 -6.14 11.73
N LEU B 291 -24.19 -5.82 12.73
CA LEU B 291 -23.68 -5.30 13.99
C LEU B 291 -24.45 -5.97 15.11
N GLU B 292 -23.91 -7.06 15.63
CA GLU B 292 -24.67 -7.96 16.52
C GLU B 292 -23.75 -8.88 17.29
N ARG B 293 -24.25 -9.39 18.41
CA ARG B 293 -23.50 -10.42 19.14
C ARG B 293 -23.87 -11.82 18.66
N GLU B 294 -22.92 -12.72 18.82
CA GLU B 294 -23.09 -14.14 18.58
C GLU B 294 -22.29 -14.90 19.63
N GLN B 295 -22.90 -15.93 20.22
CA GLN B 295 -22.17 -16.73 21.19
C GLN B 295 -21.51 -17.87 20.45
N LEU B 296 -20.25 -18.15 20.77
CA LEU B 296 -19.55 -19.26 20.15
C LEU B 296 -19.23 -20.29 21.21
N ARG B 297 -19.90 -21.43 21.12
CA ARG B 297 -19.74 -22.52 22.08
C ARG B 297 -18.57 -23.44 21.68
N THR B 298 -17.45 -22.81 21.35
CA THR B 298 -16.34 -23.42 20.65
C THR B 298 -15.22 -23.79 21.61
N GLY B 299 -15.61 -24.50 22.66
CA GLY B 299 -14.69 -24.82 23.75
C GLY B 299 -15.09 -24.09 25.02
N PRO B 300 -14.48 -24.39 26.16
CA PRO B 300 -14.77 -23.71 27.42
C PRO B 300 -14.17 -22.31 27.49
N SER B 301 -14.78 -21.47 28.33
CA SER B 301 -14.49 -20.05 28.39
C SER B 301 -15.25 -19.31 27.30
N ASN B 302 -16.55 -19.57 27.28
CA ASN B 302 -17.47 -19.27 26.19
C ASN B 302 -17.28 -17.91 25.53
N THR B 303 -16.61 -17.95 24.38
CA THR B 303 -16.26 -16.74 23.69
C THR B 303 -17.49 -16.09 23.07
N GLU B 304 -17.61 -14.79 23.30
CA GLU B 304 -18.64 -13.98 22.64
C GLU B 304 -18.01 -13.32 21.40
N VAL B 305 -18.73 -13.26 20.28
CA VAL B 305 -18.28 -12.50 19.11
C VAL B 305 -19.18 -11.28 18.98
N ILE B 306 -18.62 -10.08 18.79
CA ILE B 306 -19.41 -8.95 18.32
C ILE B 306 -19.01 -8.77 16.86
N HIS B 307 -19.95 -8.95 15.95
CA HIS B 307 -19.71 -8.67 14.53
C HIS B 307 -19.86 -7.19 14.25
N ASN B 308 -19.00 -6.64 13.39
CA ASN B 308 -19.17 -5.26 12.99
C ASN B 308 -18.61 -5.12 11.59
N TYR B 309 -19.41 -5.42 10.57
CA TYR B 309 -18.88 -5.45 9.19
C TYR B 309 -20.00 -5.18 8.19
N GLY B 310 -19.62 -4.86 6.94
CA GLY B 310 -20.67 -4.71 5.91
C GLY B 310 -21.08 -3.27 5.69
N HIS B 311 -20.10 -2.37 5.80
CA HIS B 311 -20.37 -0.94 5.72
C HIS B 311 -20.28 -0.34 4.31
N GLY B 312 -20.14 -1.17 3.28
CA GLY B 312 -20.28 -0.74 1.91
C GLY B 312 -19.42 0.44 1.51
N GLY B 313 -20.06 1.43 0.89
CA GLY B 313 -19.39 2.65 0.53
C GLY B 313 -19.54 3.77 1.54
N TYR B 314 -19.75 3.44 2.81
CA TYR B 314 -20.05 4.49 3.81
C TYR B 314 -19.43 4.23 5.17
N GLY B 315 -18.36 3.44 5.21
CA GLY B 315 -17.76 3.14 6.50
C GLY B 315 -17.11 4.31 7.23
N LEU B 316 -16.47 5.23 6.50
CA LEU B 316 -15.99 6.44 7.21
C LEU B 316 -17.14 7.33 7.70
N THR B 317 -18.18 7.40 6.86
CA THR B 317 -19.38 8.18 7.15
C THR B 317 -20.11 7.70 8.41
N ILE B 318 -20.06 6.40 8.70
CA ILE B 318 -20.89 5.85 9.80
C ILE B 318 -20.09 5.28 10.96
N HIS B 319 -18.75 5.27 10.86
CA HIS B 319 -17.96 4.43 11.76
C HIS B 319 -18.20 4.67 13.25
N TRP B 320 -18.47 5.91 13.62
CA TRP B 320 -18.44 6.21 15.06
C TRP B 320 -19.73 5.79 15.73
N GLY B 321 -20.84 5.99 15.03
CA GLY B 321 -22.09 5.40 15.52
C GLY B 321 -22.06 3.88 15.65
N CYS B 322 -21.41 3.20 14.70
CA CYS B 322 -21.19 1.77 14.80
C CYS B 322 -20.28 1.37 15.94
N ALA B 323 -19.22 2.17 16.14
CA ALA B 323 -18.31 1.88 17.24
C ALA B 323 -19.00 2.03 18.60
N LEU B 324 -19.84 3.06 18.71
CA LEU B 324 -20.62 3.22 19.96
C LEU B 324 -21.60 2.08 20.22
N GLU B 325 -22.24 1.59 19.17
CA GLU B 325 -23.13 0.44 19.30
C GLU B 325 -22.39 -0.86 19.67
N ALA B 326 -21.21 -1.05 19.10
CA ALA B 326 -20.39 -2.19 19.46
C ALA B 326 -19.93 -2.14 20.91
N ALA B 327 -19.61 -0.93 21.36
CA ALA B 327 -19.30 -0.71 22.76
C ALA B 327 -20.51 -0.89 23.68
N LYS B 328 -21.71 -0.51 23.24
CA LYS B 328 -22.92 -0.88 24.02
C LYS B 328 -23.11 -2.40 24.16
N LEU B 329 -22.92 -3.12 23.06
CA LEU B 329 -22.94 -4.59 23.09
C LEU B 329 -21.87 -5.19 23.99
N PHE B 330 -20.70 -4.55 24.01
CA PHE B 330 -19.62 -5.01 24.87
C PHE B 330 -19.95 -4.79 26.34
N GLY B 331 -20.52 -3.63 26.65
CA GLY B 331 -20.99 -3.38 28.01
C GLY B 331 -22.00 -4.39 28.52
N ARG B 332 -22.87 -4.82 27.62
CA ARG B 332 -23.81 -5.91 27.90
C ARG B 332 -23.15 -7.22 28.24
N ILE B 333 -22.06 -7.55 27.56
CA ILE B 333 -21.31 -8.76 27.89
C ILE B 333 -20.70 -8.68 29.28
N LEU B 334 -20.15 -7.51 29.60
CA LEU B 334 -19.65 -7.28 30.96
C LEU B 334 -20.73 -7.43 32.02
N GLU B 335 -21.91 -6.88 31.74
CA GLU B 335 -23.07 -7.08 32.62
C GLU B 335 -23.39 -8.55 32.88
N GLU B 336 -23.40 -9.31 31.80
CA GLU B 336 -23.72 -10.73 31.89
C GLU B 336 -22.64 -11.56 32.55
N LYS B 337 -21.38 -11.20 32.33
CA LYS B 337 -20.30 -12.00 32.87
C LYS B 337 -19.93 -11.67 34.32
N LYS B 338 -20.44 -10.56 34.86
CA LYS B 338 -20.17 -10.21 36.26
C LYS B 338 -21.32 -9.38 36.83
N LEU B 339 -20.99 -8.28 37.51
CA LEU B 339 -21.92 -7.15 37.70
C LEU B 339 -23.09 -7.46 38.65
PA FAD C . 8.77 -7.69 -4.66
O1A FAD C . 8.42 -8.02 -3.25
O2A FAD C . 8.80 -6.16 -5.02
O5B FAD C . 7.78 -8.37 -5.73
C5B FAD C . 7.47 -9.74 -5.58
C4B FAD C . 6.20 -10.02 -6.39
O4B FAD C . 5.90 -11.43 -6.31
C3B FAD C . 4.95 -9.30 -5.83
O3B FAD C . 4.18 -8.87 -6.96
C2B FAD C . 4.23 -10.41 -5.05
O2B FAD C . 2.82 -10.18 -4.91
C1B FAD C . 4.54 -11.53 -6.03
N9A FAD C . 4.30 -12.88 -5.50
C8A FAD C . 5.03 -13.58 -4.56
N7A FAD C . 4.62 -14.81 -4.38
C5A FAD C . 3.52 -14.93 -5.21
C6A FAD C . 2.61 -15.98 -5.49
N6A FAD C . 2.69 -17.19 -4.93
N1A FAD C . 1.63 -15.74 -6.38
C2A FAD C . 1.57 -14.55 -7.00
N3A FAD C . 2.34 -13.47 -6.83
C4A FAD C . 3.31 -13.73 -5.91
N1 FAD C . 17.02 -1.76 -3.10
C2 FAD C . 17.96 -0.96 -3.74
O2 FAD C . 18.67 -1.36 -4.66
N3 FAD C . 18.06 0.34 -3.27
C4 FAD C . 17.39 0.88 -2.19
O4 FAD C . 17.47 2.04 -1.85
C4X FAD C . 16.55 -0.08 -1.44
N5 FAD C . 15.94 0.25 -0.34
C5X FAD C . 15.13 -0.66 0.38
C6 FAD C . 14.55 -0.28 1.61
C7 FAD C . 13.75 -1.20 2.32
C7M FAD C . 13.17 -0.80 3.67
C8 FAD C . 13.47 -2.48 1.78
C8M FAD C . 12.56 -3.45 2.51
C9 FAD C . 14.06 -2.86 0.55
C9A FAD C . 14.92 -1.95 -0.14
N10 FAD C . 15.60 -2.28 -1.32
C10 FAD C . 16.41 -1.43 -2.02
C1' FAD C . 15.46 -3.67 -1.76
C2' FAD C . 14.41 -3.87 -2.83
O2' FAD C . 13.16 -3.37 -2.34
C3' FAD C . 14.20 -5.37 -3.13
O3' FAD C . 15.43 -6.03 -3.39
C4' FAD C . 13.32 -5.56 -4.39
O4' FAD C . 12.14 -4.79 -4.27
C5' FAD C . 12.92 -7.03 -4.59
O5' FAD C . 12.15 -7.00 -5.76
P FAD C . 11.24 -8.29 -6.20
O1P FAD C . 12.06 -9.49 -6.15
O2P FAD C . 10.53 -7.92 -7.44
O3P FAD C . 10.19 -8.37 -4.98
HOA2 FAD C . 9.53 -5.85 -5.55
H51A FAD C . 7.33 -10.03 -4.54
H52A FAD C . 8.30 -10.34 -5.98
H4B FAD C . 6.39 -9.75 -7.43
H3B FAD C . 5.18 -8.43 -5.22
HO3A FAD C . 3.38 -8.42 -6.67
H2B FAD C . 4.71 -10.60 -4.09
HO2A FAD C . 2.56 -10.56 -4.06
H1B FAD C . 3.93 -11.47 -6.93
H8A FAD C . 5.89 -13.16 -4.06
H61A FAD C . 2.01 -17.92 -5.17
H62A FAD C . 3.43 -17.39 -4.24
H2A FAD C . 0.79 -14.44 -7.75
HN3 FAD C . 18.70 0.95 -3.76
H6 FAD C . 14.73 0.71 2.01
HM71 FAD C . 12.07 -0.78 3.66
HM72 FAD C . 13.49 -1.50 4.45
HM73 FAD C . 13.52 0.18 3.94
HM81 FAD C . 12.53 -4.42 2.02
HM82 FAD C . 12.90 -3.61 3.53
HM83 FAD C . 11.54 -3.06 2.54
H9 FAD C . 13.86 -3.84 0.15
H1'1 FAD C . 15.36 -4.39 -0.94
H1'2 FAD C . 16.42 -3.98 -2.18
H2' FAD C . 14.69 -3.32 -3.73
HO2' FAD C . 13.32 -2.61 -1.79
H3' FAD C . 13.74 -5.86 -2.28
HO3' FAD C . 15.83 -6.29 -2.55
H4' FAD C . 13.86 -5.21 -5.28
HO4' FAD C . 12.33 -4.17 -3.54
H5'1 FAD C . 12.35 -7.40 -3.74
H5'2 FAD C . 13.79 -7.66 -4.73
C BEZ D . 17.88 -0.97 2.41
O1 BEZ D . 17.69 -2.13 1.93
O2 BEZ D . 17.34 -0.59 3.49
C1 BEZ D . 18.77 -0.01 1.66
C2 BEZ D . 19.09 1.23 2.23
C3 BEZ D . 19.95 2.15 1.56
C4 BEZ D . 20.47 1.80 0.30
C5 BEZ D . 20.15 0.55 -0.28
C6 BEZ D . 19.30 -0.34 0.41
H2 BEZ D . 18.70 1.49 3.20
H3 BEZ D . 20.21 3.08 2.01
H4 BEZ D . 21.12 2.49 -0.23
H5 BEZ D . 20.55 0.29 -1.25
H6 BEZ D . 19.05 -1.29 -0.03
PA FAD E . -11.12 -2.66 5.76
O1A FAD E . -11.01 -3.39 4.46
O2A FAD E . -10.56 -1.18 5.81
O5B FAD E . -10.40 -3.39 7.00
C5B FAD E . -10.61 -4.79 7.15
C4B FAD E . -9.52 -5.31 8.07
O4B FAD E . -9.79 -6.69 8.37
C3B FAD E . -8.13 -5.29 7.41
O3B FAD E . -7.22 -5.00 8.46
C2B FAD E . -7.96 -6.76 6.97
O2B FAD E . -6.60 -7.13 6.80
C1B FAD E . -8.60 -7.41 8.19
N9A FAD E . -8.94 -8.83 8.01
C8A FAD E . -9.90 -9.39 7.20
N7A FAD E . -9.98 -10.69 7.28
C5A FAD E . -8.99 -11.03 8.20
C6A FAD E . -8.54 -12.27 8.75
N6A FAD E . -9.08 -13.45 8.44
N1A FAD E . -7.54 -12.21 9.65
C2A FAD E . -7.01 -11.04 10.00
N3A FAD E . -7.33 -9.81 9.56
C4A FAD E . -8.34 -9.88 8.66
N1 FAD E . -16.53 5.60 2.69
C2 FAD E . -17.00 6.84 3.12
O2 FAD E . -17.72 6.97 4.12
N3 FAD E . -16.60 7.93 2.38
C4 FAD E . -15.84 7.92 1.24
O4 FAD E . -15.49 8.93 0.63
C4X FAD E . -15.46 6.55 0.75
N5 FAD E . -14.80 6.39 -0.38
C5X FAD E . -14.49 5.12 -0.87
C6 FAD E . -13.87 4.98 -2.13
C7 FAD E . -13.55 3.69 -2.62
C7M FAD E . -12.94 3.56 -4.00
C8 FAD E . -13.81 2.55 -1.84
C8M FAD E . -13.41 1.18 -2.34
C9 FAD E . -14.46 2.68 -0.59
C9A FAD E . -14.81 3.96 -0.12
N10 FAD E . -15.50 4.18 1.10
C10 FAD E . -15.87 5.42 1.59
C1' FAD E . -15.91 2.95 1.80
C2' FAD E . -14.96 2.64 2.95
O2' FAD E . -13.67 2.49 2.38
C3' FAD E . -15.30 1.28 3.62
O3' FAD E . -16.68 1.24 3.98
C4' FAD E . -14.46 1.06 4.89
O4' FAD E . -13.07 1.21 4.60
C5' FAD E . -14.63 -0.36 5.42
O5' FAD E . -13.87 -0.40 6.61
P FAD E . -13.52 -1.85 7.32
O1P FAD E . -14.76 -2.62 7.48
O2P FAD E . -12.66 -1.56 8.50
O3P FAD E . -12.66 -2.64 6.19
HOA2 FAD E . -11.10 -0.51 6.21
H51A FAD E . -10.60 -5.32 6.20
H52A FAD E . -11.60 -4.95 7.60
H4B FAD E . -9.55 -4.73 9.00
H3B FAD E . -8.03 -4.58 6.60
HO3A FAD E . -6.33 -4.98 8.12
H2B FAD E . -8.54 -6.97 6.08
HO2A FAD E . -6.59 -7.80 6.10
H1B FAD E . -7.95 -7.38 9.06
H8A FAD E . -10.54 -8.81 6.57
H61A FAD E . -8.74 -14.30 8.87
H62A FAD E . -9.85 -13.49 7.77
H2A FAD E . -6.24 -11.07 10.75
HN3 FAD E . -16.91 8.84 2.71
H6 FAD E . -13.63 5.85 -2.71
HM71 FAD E . -12.97 4.51 -4.52
HM72 FAD E . -11.90 3.22 -3.96
HM73 FAD E . -13.51 2.85 -4.59
HM81 FAD E . -13.60 0.40 -1.60
HM82 FAD E . -13.95 0.91 -3.26
HM83 FAD E . -12.34 1.15 -2.57
H9 FAD E . -14.66 1.79 -0.01
H1'1 FAD E . -16.14 2.09 1.18
H1'2 FAD E . -16.89 3.14 2.26
H2' FAD E . -14.96 3.44 3.68
HO2' FAD E . -13.56 3.12 1.67
H3' FAD E . -15.13 0.46 2.92
HO3' FAD E . -17.19 0.96 3.23
H4' FAD E . -14.73 1.79 5.64
HO4' FAD E . -13.05 1.68 3.75
H5'1 FAD E . -14.27 -1.10 4.70
H5'2 FAD E . -15.67 -0.58 5.65
N1 M89 F . -18.20 5.78 -1.04
N3 M89 F . -25.08 7.58 -3.11
C4 M89 F . -17.63 5.03 -2.00
C5 M89 F . -17.68 9.31 -2.29
C6 M89 F . -18.53 10.06 -1.29
C7 M89 F . -20.57 9.27 -2.41
C8 M89 F . -19.97 9.27 -3.71
C10 M89 F . -22.06 8.46 -4.69
C13 M89 F . -24.00 7.98 -3.24
C1 M89 F . -18.23 7.15 -1.10
C2 M89 F . -17.68 7.82 -2.14
N2 M89 F . -17.09 7.15 -3.18
C3 M89 F . -17.00 5.81 -3.24
O1 M89 F . -19.88 9.63 -1.27
S1 M89 F . -18.29 9.74 -3.92
C9 M89 F . -22.65 8.44 -3.41
C11 M89 F . -20.72 8.89 -4.84
C12 M89 F . -21.91 8.85 -2.28
O2 M89 F . -17.56 3.81 -1.96
O3 M89 F . -16.49 5.20 -4.17
HN1 M89 F . -18.65 5.34 -0.24
H5 M89 F . -16.64 9.64 -2.19
H61 M89 F . -18.50 11.11 -1.54
H62 M89 F . -18.12 9.96 -0.28
H10 M89 F . -22.62 8.14 -5.55
H1 M89 F . -18.73 7.62 -0.27
HN2 M89 F . -16.71 7.70 -3.94
H11 M89 F . -20.27 8.88 -5.82
H12 M89 F . -22.37 8.84 -1.29
#